data_2QAR
#
_entry.id   2QAR
#
_cell.length_a   119.512
_cell.length_b   119.512
_cell.length_c   58.133
_cell.angle_alpha   90.00
_cell.angle_beta   90.00
_cell.angle_gamma   120.00
#
_symmetry.space_group_name_H-M   'P 32'
#
loop_
_entity.id
_entity.type
_entity.pdbx_description
1 polymer 'E80-TELSAM domain'
2 polymer 'TELSAM domain'
3 polymer Lysozyme
4 non-polymer 'NITRATE ION'
5 non-polymer 'AMMONIUM ION'
6 water water
#
loop_
_entity_poly.entity_id
_entity_poly.type
_entity_poly.pdbx_seq_one_letter_code
_entity_poly.pdbx_strand_id
1 'polypeptide(L)'
;ASIRLPAHLRLQPIYWSRDDVAQWLKWAENEFSLSPIDSNTFEMNGKALLLLTKEDFRYRSPHSGDELYELLQHILKQRP
GGGGST
;
A,D
2 'polypeptide(L)'
;SIRLPAHLRLQPIYWSRDDVAQWLKWAENEFSLSPIDSNTFEMNGKALLLLTKEDFRYRSPHSGDVLYELLQHILKQRDL
EAEAAAAEAAAKA
;
B,E
3 'polypeptide(L)'
;GPNIFEMLRIDEGLRLKIYKDTEGYYTIGIGHLLTKSPSLNAAKSELDKAIGRNTNGVITKDEAEKLFCQDVDAAVRGIL
RNAKLKPVYDSLDCVRRCALINMVFQMGETGVAGFTNSLRMLQQKRWDEAAVNLAKSRWYNQTPNRAKRVITTFRTGTWD
AYK
;
C,F
#
# COMPACT_ATOMS: atom_id res chain seq x y z
N ALA A 1 -5.67 -7.75 17.49
CA ALA A 1 -5.84 -6.51 16.69
C ALA A 1 -6.18 -5.29 17.56
N SER A 2 -5.30 -4.29 17.57
CA SER A 2 -4.06 -4.29 16.79
C SER A 2 -2.85 -3.63 17.46
N ILE A 3 -2.38 -4.04 18.65
CA ILE A 3 -2.96 -4.96 19.66
C ILE A 3 -3.20 -6.46 19.33
N ARG A 4 -2.22 -7.23 18.83
CA ARG A 4 -0.94 -6.85 18.20
C ARG A 4 -0.04 -5.76 18.79
N LEU A 5 -0.06 -5.61 20.11
CA LEU A 5 0.80 -4.63 20.80
C LEU A 5 1.22 -5.15 22.18
N PRO A 6 2.53 -5.07 22.49
CA PRO A 6 3.03 -5.51 23.80
C PRO A 6 2.44 -4.70 24.95
N ALA A 7 2.13 -5.38 26.06
CA ALA A 7 1.44 -4.74 27.18
C ALA A 7 2.40 -4.11 28.19
N HIS A 8 3.63 -4.60 28.25
CA HIS A 8 4.58 -4.18 29.29
C HIS A 8 5.85 -3.60 28.71
N LEU A 9 5.84 -3.37 27.40
CA LEU A 9 6.93 -2.68 26.71
C LEU A 9 6.47 -1.30 26.28
N ARG A 10 7.42 -0.36 26.24
CA ARG A 10 7.18 0.94 25.62
C ARG A 10 6.79 0.74 24.15
N LEU A 11 5.87 1.57 23.67
CA LEU A 11 5.41 1.47 22.28
C LEU A 11 6.34 2.21 21.31
N GLN A 12 7.43 2.75 21.84
CA GLN A 12 8.45 3.37 21.03
C GLN A 12 9.73 2.52 21.12
N PRO A 13 9.95 1.65 20.11
CA PRO A 13 11.08 0.72 20.07
C PRO A 13 12.46 1.36 20.25
N ILE A 14 12.57 2.65 19.92
CA ILE A 14 13.85 3.36 20.03
C ILE A 14 14.38 3.41 21.47
N TYR A 15 13.50 3.20 22.45
CA TYR A 15 13.89 3.19 23.85
C TYR A 15 14.19 1.80 24.41
N TRP A 16 13.93 0.77 23.60
CA TRP A 16 14.07 -0.62 24.06
C TRP A 16 15.51 -1.00 24.33
N SER A 17 15.76 -1.51 25.53
CA SER A 17 17.05 -2.11 25.87
C SER A 17 17.21 -3.45 25.15
N ARG A 18 18.41 -4.03 25.26
CA ARG A 18 18.67 -5.38 24.76
C ARG A 18 17.71 -6.39 25.38
N ASP A 19 17.37 -6.20 26.65
CA ASP A 19 16.42 -7.05 27.36
C ASP A 19 14.99 -6.86 26.85
N ASP A 20 14.62 -5.62 26.56
CA ASP A 20 13.31 -5.30 26.00
C ASP A 20 13.08 -5.94 24.63
N VAL A 21 14.14 -5.99 23.82
CA VAL A 21 14.10 -6.65 22.52
C VAL A 21 13.87 -8.17 22.69
N ALA A 22 14.48 -8.75 23.69
CA ALA A 22 14.32 -10.19 23.97
C ALA A 22 12.91 -10.52 24.45
N GLN A 23 12.32 -9.63 25.24
CA GLN A 23 10.94 -9.82 25.73
C GLN A 23 9.92 -9.65 24.61
N TRP A 24 10.21 -8.75 23.68
CA TRP A 24 9.39 -8.53 22.50
C TRP A 24 9.31 -9.75 21.61
N LEU A 25 10.43 -10.46 21.48
CA LEU A 25 10.51 -11.70 20.72
C LEU A 25 9.72 -12.80 21.41
N LYS A 26 9.83 -12.82 22.73
CA LYS A 26 9.15 -13.81 23.58
C LYS A 26 7.64 -13.60 23.50
N TRP A 27 7.22 -12.35 23.59
CA TRP A 27 5.81 -11.98 23.44
C TRP A 27 5.32 -12.32 22.04
N ALA A 28 6.13 -12.01 21.03
CA ALA A 28 5.81 -12.25 19.63
C ALA A 28 5.55 -13.72 19.33
N GLU A 29 6.46 -14.57 19.79
CA GLU A 29 6.38 -16.01 19.59
C GLU A 29 5.06 -16.58 20.12
N ASN A 30 4.67 -16.15 21.32
CA ASN A 30 3.42 -16.57 21.94
C ASN A 30 2.17 -15.97 21.28
N GLU A 31 2.19 -14.66 21.06
CA GLU A 31 1.04 -13.95 20.47
C GLU A 31 0.73 -14.44 19.06
N PHE A 32 1.76 -14.83 18.33
CA PHE A 32 1.60 -15.15 16.90
C PHE A 32 1.84 -16.62 16.55
N SER A 33 1.97 -17.47 17.57
CA SER A 33 2.16 -18.91 17.41
C SER A 33 3.33 -19.23 16.47
N LEU A 34 4.41 -18.49 16.63
CA LEU A 34 5.58 -18.65 15.77
C LEU A 34 6.44 -19.80 16.26
N SER A 35 7.34 -20.28 15.40
CA SER A 35 8.37 -21.24 15.83
C SER A 35 9.24 -20.58 16.91
N PRO A 36 9.81 -21.39 17.81
CA PRO A 36 10.60 -20.82 18.90
C PRO A 36 11.76 -19.96 18.39
N ILE A 37 11.89 -18.77 18.96
CA ILE A 37 12.94 -17.83 18.59
C ILE A 37 14.00 -17.81 19.68
N ASP A 38 15.25 -18.10 19.31
CA ASP A 38 16.36 -18.03 20.24
C ASP A 38 16.58 -16.58 20.67
N SER A 39 16.68 -16.37 21.97
CA SER A 39 16.83 -15.03 22.55
C SER A 39 18.01 -14.25 21.96
N ASN A 40 19.07 -14.97 21.58
CA ASN A 40 20.26 -14.35 21.02
C ASN A 40 20.23 -14.21 19.49
N THR A 41 19.04 -14.03 18.93
CA THR A 41 18.91 -13.79 17.50
C THR A 41 19.02 -12.29 17.18
N PHE A 42 18.67 -11.46 18.15
CA PHE A 42 18.81 -10.01 18.02
C PHE A 42 19.50 -9.44 19.26
N GLU A 43 20.79 -9.72 19.38
CA GLU A 43 21.60 -9.23 20.49
C GLU A 43 21.91 -7.75 20.28
N MET A 44 20.92 -6.92 20.57
CA MET A 44 20.96 -5.48 20.26
C MET A 44 19.76 -4.78 20.88
N ASN A 45 19.86 -3.46 21.04
CA ASN A 45 18.73 -2.66 21.51
C ASN A 45 17.78 -2.29 20.37
N GLY A 46 16.73 -1.53 20.70
CA GLY A 46 15.73 -1.10 19.72
C GLY A 46 16.25 -0.16 18.65
N LYS A 47 17.19 0.72 19.03
CA LYS A 47 17.84 1.59 18.06
C LYS A 47 18.50 0.78 16.94
N ALA A 48 19.24 -0.27 17.33
CA ALA A 48 19.91 -1.14 16.38
C ALA A 48 18.89 -1.94 15.58
N LEU A 49 17.83 -2.37 16.25
CA LEU A 49 16.76 -3.15 15.63
C LEU A 49 16.10 -2.38 14.48
N LEU A 50 15.98 -1.06 14.67
CA LEU A 50 15.34 -0.19 13.68
C LEU A 50 16.21 0.09 12.46
N LEU A 51 17.49 -0.26 12.54
CA LEU A 51 18.43 -0.10 11.42
C LEU A 51 18.40 -1.29 10.47
N LEU A 52 18.03 -2.45 10.99
CA LEU A 52 17.97 -3.67 10.18
C LEU A 52 16.94 -3.57 9.07
N THR A 53 17.24 -4.23 7.95
CA THR A 53 16.31 -4.33 6.85
C THR A 53 15.49 -5.61 7.03
N LYS A 54 14.41 -5.73 6.25
CA LYS A 54 13.61 -6.94 6.22
C LYS A 54 14.46 -8.17 5.90
N GLU A 55 15.43 -7.99 4.99
N GLU A 55 15.44 -7.99 5.01
CA GLU A 55 16.40 -8.99 4.59
CA GLU A 55 16.37 -9.05 4.61
C GLU A 55 17.25 -9.48 5.77
C GLU A 55 17.29 -9.48 5.75
N ASP A 56 17.62 -8.53 6.63
CA ASP A 56 18.43 -8.82 7.82
C ASP A 56 17.63 -9.61 8.87
N PHE A 57 16.35 -9.23 9.03
CA PHE A 57 15.44 -9.98 9.88
C PHE A 57 15.31 -11.43 9.41
N ARG A 58 15.17 -11.62 8.09
CA ARG A 58 15.04 -12.95 7.49
C ARG A 58 16.28 -13.80 7.67
N TYR A 59 17.44 -13.16 7.60
CA TYR A 59 18.72 -13.83 7.78
C TYR A 59 18.86 -14.33 9.21
N ARG A 60 18.41 -13.52 10.17
CA ARG A 60 18.51 -13.85 11.59
C ARG A 60 17.43 -14.84 12.00
N SER A 61 16.26 -14.72 11.38
CA SER A 61 15.13 -15.60 11.64
C SER A 61 14.47 -16.05 10.34
N PRO A 62 14.96 -17.16 9.74
CA PRO A 62 14.38 -17.70 8.51
C PRO A 62 12.90 -18.01 8.61
N HIS A 63 12.45 -18.50 9.77
CA HIS A 63 11.05 -18.89 9.96
C HIS A 63 10.09 -17.73 10.22
N SER A 64 10.58 -16.69 10.91
CA SER A 64 9.71 -15.66 11.46
C SER A 64 10.16 -14.23 11.15
N GLY A 65 11.32 -14.08 10.51
CA GLY A 65 11.96 -12.78 10.30
C GLY A 65 11.10 -11.71 9.65
N ASP A 66 10.51 -12.05 8.51
CA ASP A 66 9.60 -11.13 7.82
C ASP A 66 8.43 -10.73 8.72
N GLU A 67 7.87 -11.71 9.42
CA GLU A 67 6.78 -11.50 10.36
C GLU A 67 7.15 -10.46 11.42
N LEU A 68 8.34 -10.61 11.99
CA LEU A 68 8.85 -9.74 13.05
C LEU A 68 9.10 -8.33 12.56
N TYR A 69 9.60 -8.22 11.34
CA TYR A 69 9.82 -6.93 10.70
C TYR A 69 8.51 -6.18 10.51
N GLU A 70 7.50 -6.86 9.98
CA GLU A 70 6.19 -6.25 9.74
C GLU A 70 5.51 -5.94 11.07
N LEU A 71 5.77 -6.79 12.07
CA LEU A 71 5.32 -6.55 13.44
C LEU A 71 5.95 -5.28 14.01
N LEU A 72 7.25 -5.08 13.77
CA LEU A 72 7.94 -3.87 14.19
C LEU A 72 7.38 -2.62 13.51
N GLN A 73 7.07 -2.75 12.21
CA GLN A 73 6.49 -1.64 11.44
C GLN A 73 5.09 -1.29 11.93
N HIS A 74 4.32 -2.33 12.27
CA HIS A 74 2.97 -2.21 12.82
C HIS A 74 2.99 -1.42 14.14
N ILE A 75 3.96 -1.71 14.99
CA ILE A 75 4.14 -1.00 16.27
C ILE A 75 4.49 0.48 16.07
N LEU A 76 5.23 0.79 15.01
CA LEU A 76 5.61 2.16 14.68
C LEU A 76 4.45 2.95 14.06
N LYS A 77 3.61 2.29 13.27
CA LYS A 77 2.45 2.90 12.65
C LYS A 77 1.48 3.43 13.71
N GLN A 78 1.26 2.63 14.75
CA GLN A 78 0.50 3.02 15.93
C GLN A 78 1.34 2.61 17.15
N ARG A 79 1.94 3.55 17.86
CA ARG A 79 1.61 4.97 17.90
C ARG A 79 2.52 5.89 17.07
N PRO A 80 2.06 7.14 16.84
CA PRO A 80 2.90 8.22 16.31
C PRO A 80 4.03 8.61 17.28
N GLY A 81 5.12 9.20 16.76
CA GLY A 81 5.23 9.57 15.36
C GLY A 81 6.49 9.16 14.64
N GLY A 82 7.64 9.35 15.28
CA GLY A 82 8.95 9.19 14.64
C GLY A 82 9.42 7.77 14.35
N GLY A 83 10.71 7.49 14.55
CA GLY A 83 11.68 8.44 15.12
C GLY A 83 12.29 9.46 14.16
N GLY A 84 13.28 9.05 13.37
CA GLY A 84 13.81 7.69 13.34
C GLY A 84 14.17 7.29 11.92
N SER A 85 15.45 7.03 11.66
CA SER A 85 16.49 7.04 12.69
C SER A 85 17.35 8.31 12.67
N THR A 86 16.71 9.46 12.40
CA THR A 86 17.36 10.76 12.47
C THR A 86 16.35 11.87 12.79
N SER B 1 17.14 9.26 16.64
CA SER B 1 18.22 9.92 15.85
C SER B 1 19.58 9.29 16.10
N ILE B 2 20.47 9.39 15.11
CA ILE B 2 21.85 8.93 15.24
C ILE B 2 22.79 10.12 15.36
N ARG B 3 23.43 10.23 16.52
CA ARG B 3 24.43 11.27 16.77
C ARG B 3 25.80 10.63 16.97
N LEU B 4 26.65 10.74 15.95
CA LEU B 4 28.03 10.27 16.02
C LEU B 4 28.85 11.13 16.98
N PRO B 5 29.96 10.57 17.53
CA PRO B 5 30.95 11.43 18.18
C PRO B 5 31.44 12.48 17.18
N ALA B 6 31.57 13.71 17.65
CA ALA B 6 31.88 14.86 16.79
C ALA B 6 33.13 14.67 15.93
N HIS B 7 34.09 13.89 16.41
CA HIS B 7 35.32 13.63 15.65
C HIS B 7 35.13 12.64 14.51
N LEU B 8 33.96 12.00 14.45
CA LEU B 8 33.64 11.02 13.41
C LEU B 8 32.63 11.55 12.39
N ARG B 9 32.29 12.83 12.48
CA ARG B 9 31.26 13.42 11.62
C ARG B 9 31.77 13.75 10.21
N LEU B 10 32.97 13.27 9.89
CA LEU B 10 33.57 13.43 8.58
C LEU B 10 33.09 12.27 7.72
N GLN B 11 33.17 12.43 6.39
CA GLN B 11 32.82 11.36 5.47
C GLN B 11 33.71 10.15 5.75
N PRO B 12 33.10 8.96 5.93
CA PRO B 12 33.84 7.74 6.29
C PRO B 12 35.05 7.42 5.41
N ILE B 13 35.06 7.93 4.17
CA ILE B 13 36.20 7.70 3.27
C ILE B 13 37.49 8.37 3.77
N TYR B 14 37.33 9.34 4.67
CA TYR B 14 38.45 10.06 5.27
C TYR B 14 38.84 9.50 6.63
N TRP B 15 38.09 8.51 7.10
CA TRP B 15 38.38 7.86 8.37
C TRP B 15 39.73 7.16 8.37
N SER B 16 40.53 7.43 9.39
CA SER B 16 41.75 6.68 9.65
C SER B 16 41.36 5.29 10.14
N ARG B 17 42.36 4.45 10.37
CA ARG B 17 42.14 3.13 10.98
C ARG B 17 41.63 3.30 12.41
N ASP B 18 42.19 4.28 13.13
CA ASP B 18 41.77 4.62 14.49
C ASP B 18 40.32 5.10 14.55
N ASP B 19 39.93 5.96 13.61
CA ASP B 19 38.55 6.45 13.50
C ASP B 19 37.58 5.29 13.38
N VAL B 20 37.93 4.31 12.55
CA VAL B 20 37.15 3.09 12.37
C VAL B 20 36.99 2.36 13.70
N ALA B 21 38.08 2.23 14.44
CA ALA B 21 38.08 1.56 15.74
C ALA B 21 37.22 2.28 16.77
N GLN B 22 37.26 3.61 16.76
CA GLN B 22 36.43 4.42 17.65
C GLN B 22 34.96 4.32 17.28
N TRP B 23 34.69 4.17 15.98
CA TRP B 23 33.34 3.99 15.46
C TRP B 23 32.71 2.73 16.03
N LEU B 24 33.49 1.65 16.07
CA LEU B 24 33.04 0.35 16.56
C LEU B 24 32.78 0.36 18.06
N LYS B 25 33.69 0.97 18.82
CA LYS B 25 33.52 1.10 20.27
C LYS B 25 32.26 1.88 20.59
N TRP B 26 32.08 3.01 19.90
CA TRP B 26 30.88 3.82 20.04
C TRP B 26 29.61 3.05 19.66
N ALA B 27 29.66 2.32 18.54
CA ALA B 27 28.51 1.55 18.06
C ALA B 27 28.10 0.45 19.03
N GLU B 28 29.09 -0.22 19.59
CA GLU B 28 28.88 -1.29 20.57
C GLU B 28 28.02 -0.82 21.73
N ASN B 29 28.43 0.28 22.35
CA ASN B 29 27.71 0.86 23.48
C ASN B 29 26.38 1.49 23.09
N GLU B 30 26.38 2.22 21.98
CA GLU B 30 25.18 2.91 21.49
C GLU B 30 24.06 1.92 21.13
N PHE B 31 24.45 0.76 20.59
CA PHE B 31 23.48 -0.20 20.11
C PHE B 31 23.42 -1.48 20.95
N SER B 32 24.05 -1.44 22.12
CA SER B 32 24.05 -2.57 23.07
C SER B 32 24.39 -3.88 22.38
N LEU B 33 25.46 -3.85 21.59
CA LEU B 33 25.87 -5.02 20.81
C LEU B 33 26.85 -5.85 21.63
N SER B 34 27.02 -7.11 21.25
CA SER B 34 28.05 -7.95 21.84
C SER B 34 29.42 -7.32 21.57
N PRO B 35 30.35 -7.44 22.54
CA PRO B 35 31.70 -6.87 22.41
C PRO B 35 32.34 -7.13 21.04
N ILE B 36 32.77 -6.06 20.40
CA ILE B 36 33.46 -6.16 19.11
C ILE B 36 34.96 -6.06 19.38
N ASP B 37 35.69 -7.09 18.97
CA ASP B 37 37.15 -7.10 19.10
C ASP B 37 37.76 -5.97 18.28
N SER B 38 38.82 -5.37 18.82
CA SER B 38 39.47 -4.21 18.23
C SER B 38 40.03 -4.49 16.83
N ASN B 39 40.43 -5.74 16.60
CA ASN B 39 41.10 -6.13 15.36
C ASN B 39 40.19 -6.83 14.35
N THR B 40 38.88 -6.63 14.46
CA THR B 40 37.93 -7.20 13.50
C THR B 40 37.90 -6.38 12.22
N PHE B 41 38.28 -5.11 12.31
CA PHE B 41 38.35 -4.21 11.17
C PHE B 41 39.68 -3.45 11.15
N GLU B 42 40.76 -4.16 10.86
CA GLU B 42 42.09 -3.58 10.77
C GLU B 42 42.28 -2.90 9.41
N MET B 43 41.68 -1.72 9.26
CA MET B 43 41.68 -0.98 8.00
C MET B 43 41.16 0.44 8.19
N ASN B 44 41.48 1.33 7.26
CA ASN B 44 40.92 2.68 7.26
C ASN B 44 39.52 2.68 6.63
N GLY B 45 38.89 3.86 6.61
CA GLY B 45 37.51 4.00 6.15
C GLY B 45 37.28 3.70 4.68
N LYS B 46 38.24 4.05 3.84
CA LYS B 46 38.12 3.80 2.40
C LYS B 46 38.23 2.31 2.07
N ALA B 47 38.89 1.56 2.94
CA ALA B 47 38.91 0.11 2.86
C ALA B 47 37.58 -0.44 3.34
N LEU B 48 37.14 0.04 4.50
CA LEU B 48 35.87 -0.34 5.10
C LEU B 48 34.69 -0.24 4.13
N LEU B 49 34.75 0.75 3.25
CA LEU B 49 33.67 1.02 2.29
C LEU B 49 33.63 0.04 1.12
N LEU B 50 34.71 -0.69 0.92
CA LEU B 50 34.78 -1.69 -0.15
C LEU B 50 34.18 -3.02 0.27
N LEU B 51 34.03 -3.20 1.59
CA LEU B 51 33.46 -4.42 2.16
C LEU B 51 31.98 -4.54 1.89
N THR B 52 31.51 -5.77 1.67
CA THR B 52 30.10 -6.06 1.48
C THR B 52 29.44 -6.38 2.83
N LYS B 53 28.12 -6.48 2.84
CA LYS B 53 27.38 -6.84 4.06
C LYS B 53 27.77 -8.25 4.51
N GLU B 54 28.04 -9.12 3.54
CA GLU B 54 28.53 -10.47 3.81
CA GLU B 54 28.52 -10.48 3.82
C GLU B 54 29.87 -10.43 4.55
N ASP B 55 30.72 -9.47 4.14
CA ASP B 55 32.03 -9.28 4.76
C ASP B 55 31.91 -8.83 6.20
N PHE B 56 30.98 -7.91 6.46
CA PHE B 56 30.68 -7.46 7.81
C PHE B 56 30.19 -8.61 8.68
N ARG B 57 29.36 -9.48 8.10
CA ARG B 57 28.81 -10.62 8.83
C ARG B 57 29.85 -11.68 9.15
N TYR B 58 30.78 -11.92 8.22
CA TYR B 58 31.89 -12.84 8.44
C TYR B 58 32.80 -12.34 9.56
N ARG B 59 33.06 -11.03 9.57
CA ARG B 59 33.93 -10.39 10.56
C ARG B 59 33.26 -10.24 11.93
N SER B 60 31.98 -9.87 11.91
CA SER B 60 31.18 -9.75 13.13
C SER B 60 29.84 -10.48 12.99
N PRO B 61 29.82 -11.79 13.27
CA PRO B 61 28.60 -12.59 13.19
C PRO B 61 27.43 -12.05 14.01
N HIS B 62 27.73 -11.39 15.12
CA HIS B 62 26.71 -10.88 16.04
C HIS B 62 26.15 -9.51 15.65
N SER B 63 26.95 -8.69 14.98
CA SER B 63 26.64 -7.28 14.78
C SER B 63 26.91 -6.73 13.38
N GLY B 64 27.47 -7.56 12.50
CA GLY B 64 27.88 -7.14 11.16
C GLY B 64 26.83 -6.40 10.35
N ASP B 65 25.61 -6.93 10.33
CA ASP B 65 24.52 -6.30 9.59
C ASP B 65 24.13 -4.94 10.18
N VAL B 66 24.19 -4.82 11.50
CA VAL B 66 23.93 -3.55 12.20
C VAL B 66 25.00 -2.53 11.86
N LEU B 67 26.25 -2.95 11.91
CA LEU B 67 27.39 -2.09 11.56
C LEU B 67 27.31 -1.65 10.10
N TYR B 68 26.94 -2.57 9.21
CA TYR B 68 26.79 -2.26 7.80
C TYR B 68 25.68 -1.25 7.53
N GLU B 69 24.52 -1.45 8.15
CA GLU B 69 23.37 -0.56 7.93
C GLU B 69 23.58 0.78 8.61
N LEU B 70 24.36 0.78 9.69
CA LEU B 70 24.79 2.01 10.36
C LEU B 70 25.66 2.83 9.43
N LEU B 71 26.63 2.18 8.80
CA LEU B 71 27.49 2.83 7.81
C LEU B 71 26.68 3.42 6.64
N GLN B 72 25.69 2.67 6.16
CA GLN B 72 24.84 3.18 5.07
C GLN B 72 24.10 4.44 5.50
N HIS B 73 23.67 4.47 6.75
CA HIS B 73 22.95 5.64 7.30
C HIS B 73 23.87 6.84 7.45
N ILE B 74 25.11 6.58 7.86
CA ILE B 74 26.14 7.61 7.98
C ILE B 74 26.46 8.19 6.60
N LEU B 75 26.71 7.32 5.63
CA LEU B 75 26.97 7.72 4.25
C LEU B 75 25.85 8.58 3.67
N LYS B 76 24.61 8.20 3.96
CA LYS B 76 23.44 8.92 3.45
C LYS B 76 23.35 10.34 3.98
N GLN B 77 23.56 10.50 5.28
CA GLN B 77 23.45 11.81 5.92
C GLN B 77 24.58 12.76 5.50
N ARG B 78 25.77 12.20 5.29
CA ARG B 78 26.91 12.95 4.76
C ARG B 78 26.69 13.37 3.30
N ASP B 79 26.08 12.49 2.52
CA ASP B 79 25.76 12.77 1.12
C ASP B 79 24.77 13.93 1.00
N LEU B 80 23.81 13.99 1.93
CA LEU B 80 22.83 15.06 1.99
C LEU B 80 23.47 16.40 2.35
N GLU B 81 24.37 16.36 3.34
CA GLU B 81 25.11 17.56 3.75
C GLU B 81 26.00 18.07 2.63
N ALA B 82 26.51 17.15 1.82
CA ALA B 82 27.36 17.48 0.69
C ALA B 82 26.61 18.21 -0.42
N GLU B 83 25.36 17.81 -0.65
CA GLU B 83 24.52 18.46 -1.67
C GLU B 83 23.77 19.68 -1.15
N ALA B 84 23.80 19.88 0.17
CA ALA B 84 23.25 21.07 0.80
C ALA B 84 24.29 22.19 0.76
N ALA B 85 25.55 21.80 0.89
CA ALA B 85 26.68 22.72 0.77
C ALA B 85 26.99 23.00 -0.70
N ALA B 86 26.62 22.08 -1.58
CA ALA B 86 26.84 22.22 -3.02
C ALA B 86 25.86 23.19 -3.67
N ALA B 87 24.58 23.05 -3.33
CA ALA B 87 23.52 23.90 -3.86
C ALA B 87 23.64 25.34 -3.38
N GLU B 88 24.21 25.52 -2.19
CA GLU B 88 24.40 26.84 -1.58
C GLU B 88 25.63 27.56 -2.14
N ALA B 89 26.69 26.81 -2.42
CA ALA B 89 27.92 27.35 -3.01
C ALA B 89 27.67 27.85 -4.43
N ALA B 90 26.78 27.15 -5.14
CA ALA B 90 26.35 27.57 -6.47
C ALA B 90 25.34 28.72 -6.39
N ALA B 91 24.64 28.82 -5.27
CA ALA B 91 23.67 29.89 -5.03
C ALA B 91 24.35 31.23 -4.79
N LYS B 92 25.47 31.21 -4.08
CA LYS B 92 26.29 32.41 -3.86
C LYS B 92 27.08 32.74 -5.11
N ALA B 93 27.74 31.73 -5.67
CA ALA B 93 28.54 31.90 -6.88
C ALA B 93 27.92 31.13 -8.05
N GLY C 1 28.65 33.36 -10.29
CA GLY C 1 29.62 34.33 -9.72
C GLY C 1 28.93 35.34 -8.81
N PRO C 2 28.87 36.61 -9.24
CA PRO C 2 29.47 37.18 -10.44
C PRO C 2 30.78 37.92 -10.19
N ASN C 3 31.69 37.88 -11.15
CA ASN C 3 32.99 38.57 -11.05
C ASN C 3 33.51 39.11 -12.39
N ILE C 4 34.69 39.72 -12.36
CA ILE C 4 35.34 40.34 -13.52
C ILE C 4 35.64 39.35 -14.66
N PHE C 5 35.95 38.10 -14.32
CA PHE C 5 36.23 37.06 -15.32
C PHE C 5 34.98 36.69 -16.12
N GLU C 6 33.85 36.54 -15.42
CA GLU C 6 32.57 36.20 -16.04
C GLU C 6 32.12 37.26 -17.04
N MET C 7 32.46 38.51 -16.74
CA MET C 7 32.07 39.67 -17.56
C MET C 7 32.55 39.52 -19.01
N LEU C 8 33.84 39.22 -19.19
CA LEU C 8 34.42 39.10 -20.52
C LEU C 8 34.35 37.71 -21.12
N ARG C 9 33.94 36.73 -20.29
CA ARG C 9 33.64 35.39 -20.78
C ARG C 9 32.34 35.42 -21.58
N ILE C 10 31.48 36.37 -21.24
CA ILE C 10 30.21 36.58 -21.93
C ILE C 10 30.40 37.52 -23.13
N ASP C 11 31.05 38.66 -22.88
CA ASP C 11 31.19 39.72 -23.87
C ASP C 11 32.16 39.40 -25.02
N GLU C 12 33.44 39.25 -24.70
CA GLU C 12 34.46 38.98 -25.72
C GLU C 12 34.62 37.49 -25.96
N GLY C 13 34.20 36.68 -24.99
CA GLY C 13 34.16 35.23 -25.13
C GLY C 13 35.49 34.52 -24.99
N LEU C 14 35.43 33.29 -24.48
CA LEU C 14 36.62 32.45 -24.36
C LEU C 14 36.65 31.40 -25.46
N ARG C 15 37.61 31.54 -26.36
CA ARG C 15 37.86 30.56 -27.40
C ARG C 15 39.35 30.33 -27.59
N LEU C 16 39.62 29.10 -28.01
CA LEU C 16 40.49 28.18 -27.32
C LEU C 16 41.83 28.09 -28.01
N LYS C 17 41.74 27.34 -29.10
CA LYS C 17 42.30 27.62 -30.40
C LYS C 17 42.11 29.07 -30.88
N ILE C 18 42.94 29.45 -31.84
CA ILE C 18 42.93 30.79 -32.42
C ILE C 18 41.72 31.01 -33.32
N TYR C 19 40.99 32.10 -33.06
CA TYR C 19 39.83 32.48 -33.85
C TYR C 19 39.93 33.94 -34.31
N LYS C 20 39.08 34.32 -35.26
CA LYS C 20 38.97 35.71 -35.68
C LYS C 20 37.71 36.35 -35.08
N ASP C 21 37.86 37.55 -34.53
CA ASP C 21 36.74 38.27 -33.92
C ASP C 21 35.83 38.93 -34.97
N THR C 22 35.04 39.92 -34.55
CA THR C 22 34.10 40.59 -35.42
C THR C 22 34.77 41.58 -36.40
N GLU C 23 36.05 41.38 -36.66
CA GLU C 23 36.83 42.28 -37.52
C GLU C 23 37.71 41.53 -38.51
N GLY C 24 38.68 40.75 -38.01
CA GLY C 24 39.57 39.98 -38.88
C GLY C 24 40.89 39.52 -38.26
N TYR C 25 41.35 40.23 -37.24
CA TYR C 25 42.62 39.93 -36.56
C TYR C 25 42.48 38.70 -35.68
N TYR C 26 43.59 38.02 -35.43
CA TYR C 26 43.59 36.81 -34.63
C TYR C 26 43.53 37.10 -33.13
N THR C 27 42.70 36.33 -32.43
CA THR C 27 42.48 36.49 -30.99
C THR C 27 42.47 35.13 -30.31
N ILE C 28 43.29 35.00 -29.26
CA ILE C 28 43.32 33.79 -28.44
C ILE C 28 42.89 34.12 -27.02
N GLY C 29 42.46 33.10 -26.27
CA GLY C 29 41.98 33.27 -24.90
C GLY C 29 40.80 34.21 -24.84
N ILE C 30 40.89 35.22 -23.98
CA ILE C 30 39.86 36.24 -23.88
C ILE C 30 40.40 37.59 -24.36
N GLY C 31 40.22 37.87 -25.65
CA GLY C 31 40.57 39.15 -26.24
C GLY C 31 42.05 39.49 -26.29
N HIS C 32 42.91 38.46 -26.30
CA HIS C 32 44.35 38.69 -26.39
C HIS C 32 44.83 38.70 -27.83
N LEU C 33 45.62 39.72 -28.16
CA LEU C 33 46.24 39.86 -29.48
C LEU C 33 47.75 39.85 -29.31
N LEU C 34 48.57 39.47 -30.30
CA LEU C 34 48.79 38.15 -30.90
C LEU C 34 50.02 38.12 -31.83
N THR C 35 50.25 39.02 -32.80
CA THR C 35 49.55 39.32 -34.07
C THR C 35 49.78 40.75 -34.60
N LYS C 36 51.00 41.00 -35.05
CA LYS C 36 51.36 42.22 -35.76
C LYS C 36 51.59 41.89 -37.25
N SER C 37 52.16 40.71 -37.49
CA SER C 37 52.37 40.18 -38.84
C SER C 37 51.04 39.70 -39.43
N PRO C 38 50.84 39.95 -40.75
CA PRO C 38 49.57 39.61 -41.41
C PRO C 38 49.29 38.11 -41.63
N SER C 39 49.95 37.23 -40.86
CA SER C 39 49.76 35.80 -41.02
C SER C 39 49.83 35.02 -39.70
N LEU C 40 49.40 33.76 -39.73
CA LEU C 40 49.46 32.86 -38.58
C LEU C 40 50.86 32.28 -38.39
N ASN C 41 51.87 33.10 -38.71
CA ASN C 41 53.27 32.72 -38.55
C ASN C 41 53.90 33.37 -37.33
N ALA C 42 53.62 34.65 -37.12
CA ALA C 42 54.12 35.40 -35.97
C ALA C 42 53.10 35.46 -34.82
N ALA C 43 51.85 35.14 -35.13
CA ALA C 43 50.82 34.95 -34.11
C ALA C 43 51.02 33.60 -33.43
N LYS C 44 52.00 32.86 -33.94
CA LYS C 44 52.37 31.53 -33.47
C LYS C 44 53.69 31.59 -32.70
N SER C 45 54.41 32.69 -32.86
CA SER C 45 55.76 32.86 -32.31
C SER C 45 55.79 33.69 -31.02
N GLU C 46 54.98 34.74 -30.97
CA GLU C 46 54.88 35.61 -29.80
C GLU C 46 54.21 34.89 -28.62
N LEU C 47 53.52 33.79 -28.93
CA LEU C 47 52.84 32.98 -27.92
C LEU C 47 53.83 32.09 -27.17
N ASP C 48 54.97 31.78 -27.79
CA ASP C 48 56.05 31.05 -27.13
C ASP C 48 56.70 31.90 -26.04
N LYS C 49 56.78 33.20 -26.30
CA LYS C 49 57.31 34.17 -25.34
C LYS C 49 56.32 34.43 -24.21
N ALA C 50 55.04 34.48 -24.56
CA ALA C 50 53.96 34.84 -23.62
C ALA C 50 53.65 33.75 -22.60
N ILE C 51 53.42 32.52 -23.08
CA ILE C 51 53.03 31.40 -22.22
C ILE C 51 54.19 30.91 -21.33
N GLY C 52 55.38 30.84 -21.92
CA GLY C 52 56.55 30.31 -21.23
C GLY C 52 57.05 29.03 -21.87
N ARG C 53 56.15 28.32 -22.55
CA ARG C 53 56.50 27.11 -23.29
C ARG C 53 56.24 27.25 -24.80
N ASN C 54 55.73 26.21 -25.45
CA ASN C 54 55.78 26.09 -26.91
C ASN C 54 54.48 25.64 -27.62
N THR C 55 54.34 26.01 -28.89
CA THR C 55 53.36 25.40 -29.86
C THR C 55 51.88 25.64 -29.49
N ASN C 56 50.89 25.59 -30.39
CA ASN C 56 50.74 26.35 -31.62
C ASN C 56 50.24 27.78 -31.26
N GLY C 57 49.18 28.03 -30.49
CA GLY C 57 48.22 27.16 -29.84
C GLY C 57 46.78 27.41 -30.25
N VAL C 58 45.82 26.52 -29.97
CA VAL C 58 45.65 25.58 -28.87
C VAL C 58 46.45 25.67 -27.57
N ILE C 59 45.85 26.38 -26.60
CA ILE C 59 46.37 26.48 -25.24
C ILE C 59 45.37 25.93 -24.23
N THR C 60 45.85 25.56 -23.04
CA THR C 60 44.98 25.00 -21.99
C THR C 60 44.04 26.06 -21.42
N LYS C 61 42.96 25.59 -20.80
CA LYS C 61 41.91 26.46 -20.25
C LYS C 61 42.43 27.39 -19.16
N ASP C 62 43.40 26.91 -18.38
CA ASP C 62 43.97 27.66 -17.26
C ASP C 62 45.02 28.68 -17.67
N GLU C 63 45.77 28.36 -18.73
CA GLU C 63 46.78 29.28 -19.27
C GLU C 63 46.14 30.53 -19.85
N ALA C 64 44.93 30.37 -20.39
CA ALA C 64 44.14 31.48 -20.90
C ALA C 64 43.61 32.37 -19.78
N GLU C 65 43.33 31.76 -18.63
CA GLU C 65 42.93 32.49 -17.42
C GLU C 65 44.07 33.39 -16.93
N LYS C 66 45.27 32.82 -16.87
CA LYS C 66 46.47 33.55 -16.49
C LYS C 66 46.70 34.68 -17.48
N LEU C 67 46.65 34.33 -18.77
CA LEU C 67 46.75 35.26 -19.88
C LEU C 67 45.75 36.41 -19.73
N PHE C 68 44.50 36.05 -19.43
CA PHE C 68 43.43 37.03 -19.20
C PHE C 68 43.77 37.95 -18.02
N CYS C 69 44.20 37.35 -16.91
CA CYS C 69 44.51 38.10 -15.70
C CYS C 69 45.69 39.06 -15.86
N GLN C 70 46.68 38.63 -16.65
CA GLN C 70 47.82 39.47 -16.99
C GLN C 70 47.39 40.67 -17.82
N ASP C 71 46.36 40.48 -18.64
CA ASP C 71 45.81 41.53 -19.49
C ASP C 71 44.91 42.50 -18.71
N VAL C 72 44.20 41.97 -17.71
CA VAL C 72 43.43 42.80 -16.79
C VAL C 72 44.39 43.71 -16.03
N ASP C 73 45.51 43.12 -15.58
CA ASP C 73 46.58 43.88 -14.93
C ASP C 73 47.14 44.97 -15.85
N ALA C 74 47.33 44.62 -17.12
CA ALA C 74 47.81 45.57 -18.13
C ALA C 74 46.81 46.70 -18.35
N ALA C 75 45.52 46.34 -18.38
CA ALA C 75 44.43 47.32 -18.47
C ALA C 75 44.44 48.30 -17.30
N VAL C 76 44.55 47.77 -16.08
CA VAL C 76 44.57 48.59 -14.86
C VAL C 76 45.76 49.55 -14.83
N ARG C 77 46.95 49.03 -15.12
CA ARG C 77 48.16 49.85 -15.18
C ARG C 77 48.04 50.96 -16.23
N GLY C 78 47.50 50.62 -17.40
CA GLY C 78 47.28 51.58 -18.46
C GLY C 78 46.30 52.66 -18.05
N ILE C 79 45.24 52.25 -17.36
CA ILE C 79 44.24 53.17 -16.84
C ILE C 79 44.84 54.16 -15.83
N LEU C 80 45.62 53.64 -14.89
CA LEU C 80 46.21 54.45 -13.83
C LEU C 80 47.34 55.35 -14.32
N ARG C 81 48.01 54.91 -15.39
CA ARG C 81 49.08 55.69 -16.02
C ARG C 81 48.47 56.83 -16.83
N ASN C 82 47.26 56.64 -17.32
CA ASN C 82 46.53 57.63 -18.11
C ASN C 82 46.04 58.78 -17.24
N ALA C 83 46.37 60.00 -17.65
CA ALA C 83 46.00 61.21 -16.90
C ALA C 83 44.50 61.52 -16.99
N LYS C 84 43.87 61.06 -18.07
CA LYS C 84 42.44 61.31 -18.31
C LYS C 84 41.56 60.22 -17.71
N LEU C 85 42.15 59.06 -17.40
CA LEU C 85 41.39 57.91 -16.93
C LEU C 85 41.52 57.63 -15.43
N LYS C 86 42.73 57.79 -14.91
CA LYS C 86 43.03 57.54 -13.49
C LYS C 86 42.10 58.24 -12.49
N PRO C 87 41.90 59.58 -12.64
CA PRO C 87 41.01 60.28 -11.70
C PRO C 87 39.57 59.76 -11.70
N VAL C 88 39.10 59.30 -12.86
CA VAL C 88 37.77 58.69 -12.98
C VAL C 88 37.76 57.34 -12.27
N TYR C 89 38.76 56.52 -12.59
CA TYR C 89 38.88 55.16 -12.09
C TYR C 89 39.01 55.10 -10.56
N ASP C 90 39.83 55.97 -9.99
CA ASP C 90 40.10 55.98 -8.55
C ASP C 90 38.88 56.32 -7.69
N SER C 91 37.92 57.02 -8.28
CA SER C 91 36.68 57.38 -7.58
C SER C 91 35.62 56.27 -7.67
N LEU C 92 35.85 55.30 -8.56
CA LEU C 92 34.90 54.22 -8.79
C LEU C 92 35.08 53.04 -7.84
N ASP C 93 33.96 52.40 -7.49
CA ASP C 93 33.97 51.15 -6.75
C ASP C 93 34.24 49.99 -7.71
N CYS C 94 34.65 48.86 -7.16
CA CYS C 94 35.16 47.73 -7.94
C CYS C 94 34.23 47.15 -9.01
N VAL C 95 32.92 47.23 -8.78
CA VAL C 95 31.94 46.79 -9.78
C VAL C 95 32.03 47.67 -11.04
N ARG C 96 32.10 48.98 -10.82
CA ARG C 96 32.16 49.95 -11.93
C ARG C 96 33.57 50.03 -12.53
N ARG C 97 34.57 49.65 -11.75
CA ARG C 97 35.95 49.56 -12.22
C ARG C 97 36.06 48.47 -13.30
N CYS C 98 35.38 47.36 -13.08
CA CYS C 98 35.33 46.24 -14.02
C CYS C 98 34.73 46.66 -15.36
N ALA C 99 33.71 47.51 -15.30
CA ALA C 99 33.06 48.02 -16.51
C ALA C 99 33.98 48.88 -17.37
N LEU C 100 34.80 49.70 -16.72
CA LEU C 100 35.77 50.55 -17.42
C LEU C 100 36.90 49.72 -18.03
N ILE C 101 37.30 48.66 -17.33
CA ILE C 101 38.27 47.69 -17.84
C ILE C 101 37.69 46.97 -19.06
N ASN C 102 36.44 46.54 -18.93
CA ASN C 102 35.69 45.94 -20.03
C ASN C 102 35.78 46.77 -21.31
N MET C 103 35.59 48.08 -21.16
CA MET C 103 35.68 49.03 -22.27
C MET C 103 37.09 49.11 -22.87
N VAL C 104 38.10 49.01 -22.00
CA VAL C 104 39.51 49.09 -22.42
C VAL C 104 39.95 47.85 -23.21
N PHE C 105 39.49 46.67 -22.79
CA PHE C 105 39.75 45.42 -23.51
C PHE C 105 39.32 45.51 -24.98
N GLN C 106 38.24 46.24 -25.23
CA GLN C 106 37.64 46.35 -26.55
C GLN C 106 38.27 47.44 -27.40
N MET C 107 38.10 48.70 -26.97
CA MET C 107 38.53 49.84 -27.77
C MET C 107 39.86 50.45 -27.31
N GLY C 108 40.44 49.88 -26.26
CA GLY C 108 41.74 50.31 -25.76
C GLY C 108 41.71 51.57 -24.92
N GLU C 109 42.74 51.72 -24.09
CA GLU C 109 42.93 52.86 -23.20
C GLU C 109 42.66 54.22 -23.87
N THR C 110 43.26 54.43 -25.03
CA THR C 110 43.17 55.70 -25.75
C THR C 110 41.78 55.97 -26.30
N GLY C 111 41.08 54.90 -26.69
CA GLY C 111 39.72 55.01 -27.22
C GLY C 111 38.71 55.41 -26.17
N VAL C 112 38.84 54.83 -24.97
CA VAL C 112 37.96 55.11 -23.84
C VAL C 112 38.10 56.56 -23.35
N ALA C 113 39.34 57.04 -23.33
CA ALA C 113 39.65 58.39 -22.85
C ALA C 113 38.98 59.50 -23.65
N GLY C 114 38.45 59.14 -24.82
CA GLY C 114 37.71 60.07 -25.68
C GLY C 114 36.31 60.38 -25.18
N PHE C 115 35.79 59.53 -24.30
CA PHE C 115 34.46 59.71 -23.72
C PHE C 115 34.47 60.73 -22.57
N THR C 116 35.00 61.92 -22.86
CA THR C 116 35.23 62.97 -21.84
C THR C 116 34.02 63.26 -20.97
N ASN C 117 32.89 63.57 -21.61
CA ASN C 117 31.65 63.91 -20.90
C ASN C 117 31.12 62.77 -20.02
N SER C 118 31.12 61.56 -20.58
CA SER C 118 30.62 60.38 -19.88
C SER C 118 31.54 59.95 -18.73
N LEU C 119 32.84 60.18 -18.89
CA LEU C 119 33.82 59.87 -17.83
C LEU C 119 33.69 60.83 -16.65
N ARG C 120 33.52 62.12 -16.94
CA ARG C 120 33.33 63.14 -15.91
C ARG C 120 32.03 62.90 -15.14
N MET C 121 30.99 62.47 -15.86
CA MET C 121 29.71 62.12 -15.25
C MET C 121 29.82 60.90 -14.34
N LEU C 122 30.67 59.95 -14.71
CA LEU C 122 30.94 58.78 -13.88
C LEU C 122 31.77 59.13 -12.65
N GLN C 123 32.67 60.10 -12.81
CA GLN C 123 33.52 60.57 -11.72
C GLN C 123 32.71 61.26 -10.62
N GLN C 124 31.75 62.09 -11.05
CA GLN C 124 30.95 62.91 -10.15
C GLN C 124 29.73 62.20 -9.56
N LYS C 125 29.77 60.86 -9.59
CA LYS C 125 28.70 60.01 -9.05
C LYS C 125 27.33 60.33 -9.67
N ARG C 126 27.30 60.32 -11.00
CA ARG C 126 26.14 60.78 -11.77
C ARG C 126 25.77 59.72 -12.82
N TRP C 127 25.30 58.59 -12.32
CA TRP C 127 25.25 57.33 -13.07
C TRP C 127 24.31 57.28 -14.28
N ASP C 128 23.06 57.68 -14.06
N ASP C 128 23.06 57.68 -14.06
CA ASP C 128 22.04 57.61 -15.10
CA ASP C 128 22.03 57.62 -15.08
C ASP C 128 22.34 58.50 -16.31
C ASP C 128 22.26 58.54 -16.29
N GLU C 129 22.91 59.68 -16.04
CA GLU C 129 23.25 60.64 -17.09
C GLU C 129 24.36 60.13 -18.00
N ALA C 130 25.36 59.47 -17.39
CA ALA C 130 26.43 58.82 -18.14
C ALA C 130 25.89 57.60 -18.90
N ALA C 131 24.85 56.98 -18.35
CA ALA C 131 24.20 55.82 -18.97
C ALA C 131 23.41 56.22 -20.23
N VAL C 132 22.76 57.39 -20.18
CA VAL C 132 22.07 57.93 -21.34
C VAL C 132 23.09 58.46 -22.35
N ASN C 133 24.20 58.98 -21.84
CA ASN C 133 25.25 59.57 -22.68
C ASN C 133 26.01 58.53 -23.51
N LEU C 134 26.54 57.50 -22.84
CA LEU C 134 27.27 56.40 -23.49
C LEU C 134 26.41 55.69 -24.54
N ALA C 135 25.10 55.68 -24.32
CA ALA C 135 24.15 55.05 -25.23
C ALA C 135 24.10 55.73 -26.60
N LYS C 136 24.40 57.03 -26.62
CA LYS C 136 24.39 57.81 -27.86
C LYS C 136 25.80 57.99 -28.42
N SER C 137 26.50 56.87 -28.62
CA SER C 137 27.86 56.88 -29.15
C SER C 137 28.03 55.88 -30.30
N ARG C 138 29.11 56.05 -31.06
CA ARG C 138 29.44 55.18 -32.20
C ARG C 138 29.64 53.73 -31.77
N TRP C 139 30.30 53.54 -30.62
CA TRP C 139 30.57 52.22 -30.05
C TRP C 139 29.29 51.44 -29.74
N TYR C 140 28.26 52.15 -29.30
CA TYR C 140 26.96 51.56 -28.98
C TYR C 140 26.28 50.94 -30.21
N ASN C 141 26.47 51.58 -31.36
CA ASN C 141 25.84 51.15 -32.61
C ASN C 141 26.39 49.84 -33.18
N GLN C 142 27.72 49.68 -33.15
CA GLN C 142 28.38 48.51 -33.70
C GLN C 142 27.93 47.21 -33.02
N THR C 143 28.02 47.16 -31.70
CA THR C 143 27.52 46.04 -30.92
C THR C 143 26.69 46.52 -29.73
N PRO C 144 25.35 46.62 -29.90
CA PRO C 144 24.45 46.94 -28.80
C PRO C 144 24.36 45.81 -27.77
N ASN C 145 24.89 44.64 -28.13
CA ASN C 145 24.93 43.47 -27.27
C ASN C 145 25.78 43.73 -26.03
N ARG C 146 27.06 44.03 -26.26
CA ARG C 146 28.04 44.27 -25.20
C ARG C 146 27.76 45.58 -24.46
N ALA C 147 27.30 46.60 -25.20
CA ALA C 147 27.12 47.95 -24.66
C ALA C 147 26.02 48.09 -23.61
N LYS C 148 24.89 47.42 -23.83
CA LYS C 148 23.76 47.46 -22.90
C LYS C 148 24.13 46.99 -21.50
N ARG C 149 24.93 45.93 -21.43
CA ARG C 149 25.34 45.34 -20.16
C ARG C 149 26.38 46.19 -19.41
N VAL C 150 27.29 46.81 -20.17
CA VAL C 150 28.31 47.70 -19.60
C VAL C 150 27.66 48.96 -19.03
N ILE C 151 26.64 49.47 -19.73
CA ILE C 151 25.89 50.64 -19.29
C ILE C 151 25.07 50.33 -18.01
N THR C 152 24.34 49.21 -18.04
CA THR C 152 23.55 48.78 -16.88
C THR C 152 24.41 48.65 -15.64
N THR C 153 25.64 48.16 -15.81
CA THR C 153 26.61 48.02 -14.73
C THR C 153 27.07 49.37 -14.19
N PHE C 154 27.21 50.35 -15.09
CA PHE C 154 27.62 51.71 -14.69
C PHE C 154 26.54 52.43 -13.89
N ARG C 155 25.28 52.20 -14.23
CA ARG C 155 24.16 52.88 -13.57
C ARG C 155 23.88 52.32 -12.18
N THR C 156 23.52 51.03 -12.12
CA THR C 156 23.13 50.39 -10.87
C THR C 156 24.31 50.11 -9.93
N GLY C 157 25.48 49.91 -10.50
CA GLY C 157 26.68 49.59 -9.72
C GLY C 157 26.68 48.16 -9.22
N THR C 158 25.94 47.29 -9.91
CA THR C 158 25.83 45.88 -9.56
C THR C 158 26.05 44.98 -10.79
N TRP C 159 26.14 43.68 -10.55
CA TRP C 159 26.39 42.70 -11.62
C TRP C 159 25.11 42.20 -12.29
N ASP C 160 23.98 42.83 -11.97
CA ASP C 160 22.64 42.38 -12.39
C ASP C 160 22.47 42.00 -13.87
N ALA C 161 23.12 42.76 -14.76
CA ALA C 161 23.02 42.53 -16.21
C ALA C 161 23.73 41.26 -16.67
N TYR C 162 24.08 40.39 -15.73
CA TYR C 162 24.78 39.15 -16.03
C TYR C 162 24.20 37.96 -15.25
N LYS C 163 23.55 38.26 -14.12
CA LYS C 163 22.94 37.23 -13.28
C LYS C 163 21.73 36.59 -13.95
N ALA D 1 -47.37 -10.98 45.11
CA ALA D 1 -47.22 -11.05 46.60
C ALA D 1 -46.84 -9.75 47.32
N SER D 2 -46.02 -8.89 46.73
CA SER D 2 -45.51 -8.99 45.36
C SER D 2 -43.99 -8.94 45.07
N ILE D 3 -43.09 -8.38 45.89
CA ILE D 3 -43.25 -7.76 47.22
C ILE D 3 -43.66 -8.71 48.36
N ARG D 4 -42.79 -9.66 48.70
CA ARG D 4 -41.38 -9.68 48.31
C ARG D 4 -41.13 -10.72 47.20
N LEU D 5 -40.04 -10.65 46.43
CA LEU D 5 -39.03 -9.56 46.30
C LEU D 5 -37.97 -9.33 47.39
N PRO D 6 -36.71 -9.72 47.11
CA PRO D 6 -35.58 -9.51 48.02
C PRO D 6 -35.28 -8.03 48.24
N ALA D 7 -34.90 -7.69 49.47
CA ALA D 7 -34.72 -6.29 49.85
C ALA D 7 -33.30 -5.76 49.62
N HIS D 8 -32.32 -6.66 49.60
CA HIS D 8 -30.91 -6.26 49.53
C HIS D 8 -30.19 -6.86 48.33
N LEU D 9 -30.97 -7.46 47.43
CA LEU D 9 -30.47 -7.96 46.15
C LEU D 9 -30.98 -7.08 45.03
N ARG D 10 -30.18 -6.98 43.97
CA ARG D 10 -30.64 -6.37 42.72
C ARG D 10 -31.85 -7.14 42.19
N LEU D 11 -32.80 -6.41 41.60
CA LEU D 11 -34.01 -7.04 41.07
C LEU D 11 -33.81 -7.58 39.65
N GLN D 12 -32.57 -7.47 39.16
CA GLN D 12 -32.19 -8.05 37.88
C GLN D 12 -31.20 -9.19 38.14
N PRO D 13 -31.69 -10.44 38.16
CA PRO D 13 -30.89 -11.63 38.46
C PRO D 13 -29.63 -11.79 37.60
N ILE D 14 -29.64 -11.21 36.39
CA ILE D 14 -28.50 -11.32 35.48
C ILE D 14 -27.21 -10.72 36.06
N TYR D 15 -27.34 -9.86 37.06
CA TYR D 15 -26.18 -9.26 37.73
C TYR D 15 -25.72 -9.99 38.99
N TRP D 16 -26.49 -11.00 39.41
CA TRP D 16 -26.22 -11.71 40.66
C TRP D 16 -24.95 -12.51 40.60
N SER D 17 -24.07 -12.28 41.58
CA SER D 17 -22.88 -13.11 41.76
C SER D 17 -23.28 -14.48 42.32
N ARG D 18 -22.32 -15.39 42.40
CA ARG D 18 -22.52 -16.67 43.06
C ARG D 18 -23.00 -16.50 44.50
N ASP D 19 -22.49 -15.46 45.18
CA ASP D 19 -22.89 -15.15 46.56
C ASP D 19 -24.32 -14.60 46.63
N ASP D 20 -24.68 -13.78 45.64
CA ASP D 20 -26.04 -13.25 45.53
C ASP D 20 -27.09 -14.34 45.33
N VAL D 21 -26.73 -15.36 44.56
CA VAL D 21 -27.60 -16.53 44.36
C VAL D 21 -27.81 -17.28 45.66
N ALA D 22 -26.75 -17.40 46.47
CA ALA D 22 -26.84 -18.07 47.76
C ALA D 22 -27.71 -17.31 48.76
N GLN D 23 -27.63 -15.98 48.74
CA GLN D 23 -28.45 -15.15 49.63
C GLN D 23 -29.91 -15.16 49.23
N TRP D 24 -30.17 -15.26 47.93
CA TRP D 24 -31.51 -15.38 47.39
C TRP D 24 -32.21 -16.66 47.86
N LEU D 25 -31.44 -17.75 47.94
CA LEU D 25 -31.95 -19.04 48.41
C LEU D 25 -32.25 -18.95 49.90
N LYS D 26 -31.37 -18.27 50.62
CA LYS D 26 -31.49 -18.08 52.06
C LYS D 26 -32.72 -17.24 52.37
N TRP D 27 -32.90 -16.17 51.61
CA TRP D 27 -34.08 -15.32 51.75
C TRP D 27 -35.34 -16.09 51.40
N ALA D 28 -35.26 -16.87 50.33
CA ALA D 28 -36.38 -17.67 49.83
C ALA D 28 -36.88 -18.67 50.87
N GLU D 29 -35.95 -19.41 51.46
CA GLU D 29 -36.25 -20.43 52.48
C GLU D 29 -37.03 -19.82 53.65
N ASN D 30 -36.58 -18.66 54.12
CA ASN D 30 -37.24 -17.95 55.21
C ASN D 30 -38.58 -17.34 54.82
N GLU D 31 -38.59 -16.60 53.70
CA GLU D 31 -39.79 -15.91 53.24
C GLU D 31 -40.94 -16.87 52.93
N PHE D 32 -40.59 -18.06 52.46
CA PHE D 32 -41.59 -19.01 51.97
C PHE D 32 -41.74 -20.29 52.80
N SER D 33 -41.09 -20.32 53.97
CA SER D 33 -41.15 -21.45 54.90
C SER D 33 -40.82 -22.78 54.21
N LEU D 34 -39.79 -22.75 53.38
CA LEU D 34 -39.38 -23.91 52.61
C LEU D 34 -38.51 -24.82 53.47
N SER D 35 -38.34 -26.06 53.05
CA SER D 35 -37.36 -26.95 53.65
C SER D 35 -35.96 -26.35 53.45
N PRO D 36 -35.02 -26.64 54.38
CA PRO D 36 -33.69 -26.05 54.27
C PRO D 36 -33.01 -26.36 52.94
N ILE D 37 -32.46 -25.32 52.31
CA ILE D 37 -31.78 -25.45 51.03
C ILE D 37 -30.28 -25.34 51.26
N ASP D 38 -29.54 -26.36 50.85
CA ASP D 38 -28.09 -26.34 50.92
C ASP D 38 -27.54 -25.26 50.00
N SER D 39 -26.66 -24.42 50.52
CA SER D 39 -26.08 -23.31 49.79
C SER D 39 -25.42 -23.72 48.47
N ASN D 40 -24.88 -24.94 48.44
CA ASN D 40 -24.22 -25.46 47.24
C ASN D 40 -25.16 -26.22 46.29
N THR D 41 -26.42 -25.83 46.24
CA THR D 41 -27.37 -26.42 45.30
C THR D 41 -27.36 -25.69 43.97
N PHE D 42 -26.98 -24.42 43.99
CA PHE D 42 -26.84 -23.62 42.78
C PHE D 42 -25.49 -22.89 42.80
N GLU D 43 -24.41 -23.65 42.64
CA GLU D 43 -23.06 -23.10 42.61
C GLU D 43 -22.82 -22.41 41.27
N MET D 44 -23.37 -21.21 41.12
CA MET D 44 -23.40 -20.47 39.86
C MET D 44 -23.94 -19.07 40.08
N ASN D 45 -23.66 -18.17 39.14
CA ASN D 45 -24.22 -16.82 39.19
C ASN D 45 -25.63 -16.75 38.59
N GLY D 46 -26.20 -15.54 38.55
CA GLY D 46 -27.55 -15.32 38.04
C GLY D 46 -27.70 -15.60 36.55
N LYS D 47 -26.65 -15.30 35.78
CA LYS D 47 -26.65 -15.61 34.35
C LYS D 47 -26.85 -17.11 34.12
N ALA D 48 -26.12 -17.93 34.87
CA ALA D 48 -26.24 -19.38 34.78
C ALA D 48 -27.59 -19.86 35.29
N LEU D 49 -28.07 -19.20 36.35
CA LEU D 49 -29.35 -19.53 36.96
C LEU D 49 -30.50 -19.36 35.97
N LEU D 50 -30.39 -18.34 35.13
CA LEU D 50 -31.42 -18.02 34.14
C LEU D 50 -31.44 -18.97 32.94
N LEU D 51 -30.39 -19.79 32.80
CA LEU D 51 -30.31 -20.80 31.75
C LEU D 51 -31.00 -22.11 32.11
N LEU D 52 -31.09 -22.38 33.41
CA LEU D 52 -31.71 -23.60 33.91
C LEU D 52 -33.18 -23.67 33.56
N THR D 53 -33.66 -24.89 33.34
CA THR D 53 -35.08 -25.13 33.13
C THR D 53 -35.73 -25.43 34.48
N LYS D 54 -37.05 -25.42 34.52
CA LYS D 54 -37.81 -25.81 35.70
C LYS D 54 -37.43 -27.21 36.18
N GLU D 55 -37.18 -28.11 35.24
CA GLU D 55 -36.78 -29.48 35.54
C GLU D 55 -35.36 -29.59 36.08
N ASP D 56 -34.50 -28.62 35.76
CA ASP D 56 -33.16 -28.53 36.34
C ASP D 56 -33.24 -28.04 37.79
N PHE D 57 -34.11 -27.06 38.04
CA PHE D 57 -34.40 -26.60 39.39
C PHE D 57 -34.89 -27.75 40.27
N ARG D 58 -35.82 -28.56 39.73
CA ARG D 58 -36.39 -29.70 40.45
C ARG D 58 -35.37 -30.77 40.76
N TYR D 59 -34.43 -30.98 39.83
CA TYR D 59 -33.36 -31.95 40.01
C TYR D 59 -32.42 -31.53 41.14
N ARG D 60 -32.14 -30.23 41.21
CA ARG D 60 -31.24 -29.67 42.22
C ARG D 60 -31.92 -29.54 43.57
N SER D 61 -33.22 -29.24 43.53
CA SER D 61 -34.02 -29.10 44.74
C SER D 61 -35.37 -29.80 44.58
N PRO D 62 -35.44 -31.10 44.91
CA PRO D 62 -36.68 -31.87 44.83
C PRO D 62 -37.83 -31.26 45.63
N HIS D 63 -37.53 -30.70 46.81
CA HIS D 63 -38.55 -30.15 47.69
C HIS D 63 -39.06 -28.77 47.30
N SER D 64 -38.19 -27.95 46.73
CA SER D 64 -38.48 -26.52 46.54
C SER D 64 -38.20 -26.00 45.13
N GLY D 65 -37.65 -26.85 44.26
CA GLY D 65 -37.15 -26.44 42.95
C GLY D 65 -38.13 -25.71 42.06
N ASP D 66 -39.31 -26.27 41.88
CA ASP D 66 -40.38 -25.63 41.12
C ASP D 66 -40.75 -24.27 41.72
N GLU D 67 -40.86 -24.22 43.05
CA GLU D 67 -41.13 -22.99 43.80
C GLU D 67 -40.11 -21.90 43.46
N LEU D 68 -38.83 -22.27 43.50
CA LEU D 68 -37.72 -21.34 43.24
C LEU D 68 -37.70 -20.83 41.81
N TYR D 69 -38.02 -21.72 40.87
CA TYR D 69 -38.11 -21.35 39.46
C TYR D 69 -39.21 -20.31 39.25
N GLU D 70 -40.40 -20.56 39.82
CA GLU D 70 -41.53 -19.65 39.67
C GLU D 70 -41.25 -18.34 40.41
N LEU D 71 -40.51 -18.46 41.52
CA LEU D 71 -40.03 -17.29 42.26
C LEU D 71 -39.10 -16.44 41.40
N LEU D 72 -38.19 -17.10 40.69
CA LEU D 72 -37.29 -16.42 39.75
C LEU D 72 -38.05 -15.73 38.62
N GLN D 73 -39.09 -16.39 38.10
CA GLN D 73 -39.92 -15.83 37.04
C GLN D 73 -40.70 -14.62 37.53
N HIS D 74 -41.19 -14.72 38.75
CA HIS D 74 -41.92 -13.65 39.43
C HIS D 74 -41.05 -12.40 39.55
N ILE D 75 -39.79 -12.57 39.93
CA ILE D 75 -38.83 -11.48 40.03
C ILE D 75 -38.56 -10.79 38.68
N LEU D 76 -38.55 -11.58 37.61
CA LEU D 76 -38.35 -11.06 36.26
C LEU D 76 -39.57 -10.33 35.72
N LYS D 77 -40.75 -10.85 36.06
CA LYS D 77 -42.02 -10.25 35.67
C LYS D 77 -42.21 -8.89 36.35
N GLN D 78 -41.91 -8.85 37.66
CA GLN D 78 -42.14 -7.65 38.49
C GLN D 78 -41.20 -6.48 38.18
N ARG D 79 -40.19 -6.72 37.35
CA ARG D 79 -39.20 -5.70 37.02
C ARG D 79 -38.88 -5.69 35.52
N PRO D 80 -39.34 -4.65 34.79
CA PRO D 80 -39.05 -4.51 33.36
C PRO D 80 -37.56 -4.22 33.10
N GLY D 81 -37.01 -4.72 31.98
CA GLY D 81 -37.76 -5.43 30.96
C GLY D 81 -37.57 -6.94 30.97
N GLY D 82 -36.82 -7.45 30.00
CA GLY D 82 -36.64 -8.88 29.80
C GLY D 82 -35.73 -9.55 30.82
N GLY D 83 -34.47 -9.76 30.45
CA GLY D 83 -33.94 -9.40 29.14
C GLY D 83 -33.20 -10.52 28.44
N GLY D 84 -31.89 -10.39 28.35
CA GLY D 84 -31.04 -11.37 27.68
C GLY D 84 -30.86 -12.64 28.51
N SER E 1 -27.44 -11.08 27.99
CA SER E 1 -27.01 -11.65 26.68
C SER E 1 -25.83 -12.60 26.83
N ILE E 2 -25.71 -13.54 25.90
CA ILE E 2 -24.57 -14.45 25.85
C ILE E 2 -23.65 -14.07 24.69
N ARG E 3 -22.44 -13.64 25.04
CA ARG E 3 -21.41 -13.34 24.04
C ARG E 3 -20.24 -14.31 24.16
N LEU E 4 -20.17 -15.26 23.23
CA LEU E 4 -19.07 -16.22 23.15
C LEU E 4 -17.77 -15.52 22.74
N PRO E 5 -16.61 -16.12 23.09
CA PRO E 5 -15.37 -15.69 22.45
C PRO E 5 -15.50 -15.82 20.94
N ALA E 6 -15.01 -14.82 20.22
CA ALA E 6 -15.19 -14.73 18.78
C ALA E 6 -14.73 -15.96 18.00
N HIS E 7 -13.73 -16.67 18.53
CA HIS E 7 -13.23 -17.89 17.89
C HIS E 7 -14.16 -19.10 18.07
N LEU E 8 -15.17 -18.95 18.92
CA LEU E 8 -16.13 -20.02 19.18
C LEU E 8 -17.51 -19.77 18.57
N ARG E 9 -17.62 -18.72 17.77
CA ARG E 9 -18.91 -18.32 17.20
C ARG E 9 -19.32 -19.17 16.00
N LEU E 10 -18.60 -20.26 15.76
CA LEU E 10 -18.90 -21.22 14.71
C LEU E 10 -19.90 -22.22 15.28
N GLN E 11 -20.62 -22.91 14.39
CA GLN E 11 -21.53 -23.96 14.81
C GLN E 11 -20.76 -25.04 15.56
N PRO E 12 -21.22 -25.40 16.77
CA PRO E 12 -20.53 -26.35 17.64
C PRO E 12 -20.10 -27.66 16.97
N ILE E 13 -20.79 -28.06 15.90
CA ILE E 13 -20.45 -29.29 15.18
C ILE E 13 -19.07 -29.20 14.51
N TYR E 14 -18.58 -27.98 14.34
CA TYR E 14 -17.28 -27.74 13.74
C TYR E 14 -16.19 -27.51 14.78
N TRP E 15 -16.58 -27.50 16.05
CA TRP E 15 -15.64 -27.33 17.15
C TRP E 15 -14.63 -28.46 17.22
N SER E 16 -13.35 -28.10 17.32
CA SER E 16 -12.30 -29.06 17.60
C SER E 16 -12.42 -29.49 19.07
N ARG E 17 -11.55 -30.39 19.49
CA ARG E 17 -11.46 -30.78 20.89
C ARG E 17 -10.98 -29.61 21.73
N ASP E 18 -10.04 -28.83 21.19
CA ASP E 18 -9.53 -27.63 21.84
C ASP E 18 -10.60 -26.56 22.01
N ASP E 19 -11.39 -26.34 20.96
CA ASP E 19 -12.52 -25.41 21.00
C ASP E 19 -13.47 -25.74 22.16
N VAL E 20 -13.76 -27.03 22.31
CA VAL E 20 -14.60 -27.53 23.40
C VAL E 20 -14.00 -27.17 24.75
N ALA E 21 -12.68 -27.36 24.89
CA ALA E 21 -11.97 -27.06 26.12
C ALA E 21 -11.96 -25.56 26.44
N GLN E 22 -11.83 -24.73 25.41
CA GLN E 22 -11.89 -23.28 25.58
C GLN E 22 -13.30 -22.83 25.97
N TRP E 23 -14.29 -23.53 25.45
CA TRP E 23 -15.70 -23.27 25.75
C TRP E 23 -15.97 -23.45 27.24
N LEU E 24 -15.40 -24.51 27.80
CA LEU E 24 -15.57 -24.85 29.22
C LEU E 24 -14.88 -23.85 30.14
N LYS E 25 -13.64 -23.48 29.79
CA LYS E 25 -12.89 -22.48 30.56
C LYS E 25 -13.65 -21.15 30.57
N TRP E 26 -14.09 -20.72 29.41
CA TRP E 26 -14.91 -19.51 29.28
C TRP E 26 -16.21 -19.60 30.09
N ALA E 27 -16.90 -20.74 30.00
CA ALA E 27 -18.17 -20.95 30.71
C ALA E 27 -18.00 -20.90 32.22
N GLU E 28 -16.92 -21.51 32.70
CA GLU E 28 -16.58 -21.54 34.12
C GLU E 28 -16.54 -20.13 34.71
N ASN E 29 -15.75 -19.27 34.08
CA ASN E 29 -15.60 -17.89 34.53
C ASN E 29 -16.84 -17.03 34.28
N GLU E 30 -17.46 -17.19 33.11
CA GLU E 30 -18.64 -16.43 32.74
C GLU E 30 -19.82 -16.71 33.65
N PHE E 31 -19.93 -17.96 34.11
CA PHE E 31 -21.07 -18.39 34.92
C PHE E 31 -20.71 -18.71 36.36
N SER E 32 -19.50 -18.33 36.77
CA SER E 32 -19.02 -18.51 38.14
C SER E 32 -19.27 -19.93 38.63
N LEU E 33 -18.90 -20.90 37.82
CA LEU E 33 -19.13 -22.31 38.13
C LEU E 33 -17.93 -22.85 38.88
N SER E 34 -18.12 -23.98 39.55
CA SER E 34 -17.03 -24.71 40.16
C SER E 34 -16.04 -25.14 39.06
N PRO E 35 -14.73 -25.12 39.35
CA PRO E 35 -13.70 -25.50 38.39
C PRO E 35 -14.03 -26.77 37.62
N ILE E 36 -13.99 -26.67 36.30
CA ILE E 36 -14.21 -27.82 35.42
C ILE E 36 -12.85 -28.35 34.98
N ASP E 37 -12.60 -29.62 35.28
CA ASP E 37 -11.37 -30.28 34.86
C ASP E 37 -11.28 -30.31 33.34
N SER E 38 -10.06 -30.16 32.83
CA SER E 38 -9.81 -30.07 31.38
C SER E 38 -10.23 -31.32 30.63
N ASN E 39 -10.15 -32.47 31.31
CA ASN E 39 -10.40 -33.76 30.68
C ASN E 39 -11.79 -34.36 30.96
N THR E 40 -12.75 -33.50 31.32
CA THR E 40 -14.11 -33.95 31.54
C THR E 40 -14.85 -34.14 30.22
N PHE E 41 -14.38 -33.45 29.19
CA PHE E 41 -14.94 -33.55 27.84
C PHE E 41 -13.85 -33.73 26.80
N GLU E 42 -13.22 -34.91 26.81
CA GLU E 42 -12.17 -35.24 25.85
C GLU E 42 -12.79 -35.68 24.53
N MET E 43 -13.25 -34.70 23.75
CA MET E 43 -13.95 -34.94 22.49
C MET E 43 -14.14 -33.64 21.71
N ASN E 44 -14.36 -33.76 20.41
CA ASN E 44 -14.71 -32.60 19.58
C ASN E 44 -16.19 -32.27 19.71
N GLY E 45 -16.61 -31.21 19.03
CA GLY E 45 -17.98 -30.70 19.14
C GLY E 45 -19.08 -31.60 18.62
N LYS E 46 -18.79 -32.34 17.56
CA LYS E 46 -19.77 -33.27 16.99
C LYS E 46 -20.01 -34.48 17.90
N ALA E 47 -19.01 -34.80 18.73
CA ALA E 47 -19.16 -35.80 19.77
C ALA E 47 -19.98 -35.21 20.91
N LEU E 48 -19.58 -34.01 21.34
CA LEU E 48 -20.27 -33.28 22.40
C LEU E 48 -21.78 -33.19 22.19
N LEU E 49 -22.18 -33.09 20.92
CA LEU E 49 -23.60 -32.92 20.56
C LEU E 49 -24.42 -34.20 20.67
N LEU E 50 -23.73 -35.34 20.72
CA LEU E 50 -24.41 -36.63 20.88
C LEU E 50 -24.72 -36.95 22.33
N LEU E 51 -24.08 -36.22 23.25
CA LEU E 51 -24.28 -36.41 24.69
C LEU E 51 -25.64 -35.89 25.14
N THR E 52 -26.23 -36.59 26.10
CA THR E 52 -27.49 -36.19 26.70
C THR E 52 -27.22 -35.28 27.91
N LYS E 53 -28.28 -34.68 28.46
CA LYS E 53 -28.17 -33.88 29.67
C LYS E 53 -27.69 -34.71 30.85
N GLU E 54 -28.14 -35.97 30.90
N GLU E 54 -28.13 -35.97 30.90
CA GLU E 54 -27.68 -36.94 31.89
CA GLU E 54 -27.67 -36.93 31.89
C GLU E 54 -26.17 -37.16 31.78
C GLU E 54 -26.17 -37.19 31.78
N ASP E 55 -25.66 -37.19 30.55
CA ASP E 55 -24.23 -37.36 30.28
C ASP E 55 -23.42 -36.18 30.79
N PHE E 56 -23.94 -34.97 30.56
CA PHE E 56 -23.33 -33.75 31.08
C PHE E 56 -23.28 -33.76 32.61
N ARG E 57 -24.35 -34.24 33.23
CA ARG E 57 -24.46 -34.29 34.69
C ARG E 57 -23.52 -35.32 35.31
N TYR E 58 -23.37 -36.46 34.66
CA TYR E 58 -22.42 -37.49 35.09
C TYR E 58 -20.99 -36.98 35.01
N ARG E 59 -20.67 -36.26 33.95
CA ARG E 59 -19.33 -35.71 33.72
C ARG E 59 -19.03 -34.50 34.59
N SER E 60 -20.02 -33.62 34.75
CA SER E 60 -19.90 -32.44 35.60
C SER E 60 -21.12 -32.33 36.53
N PRO E 61 -21.07 -33.01 37.69
CA PRO E 61 -22.16 -32.97 38.67
C PRO E 61 -22.56 -31.55 39.12
N HIS E 62 -21.59 -30.64 39.15
CA HIS E 62 -21.82 -29.27 39.62
C HIS E 62 -22.38 -28.33 38.56
N SER E 63 -22.07 -28.60 37.29
CA SER E 63 -22.33 -27.63 36.22
C SER E 63 -22.91 -28.22 34.92
N GLY E 64 -23.07 -29.53 34.87
CA GLY E 64 -23.52 -30.23 33.67
C GLY E 64 -24.77 -29.68 33.02
N ASP E 65 -25.81 -29.43 33.83
CA ASP E 65 -27.06 -28.89 33.32
C ASP E 65 -26.91 -27.49 32.75
N VAL E 66 -26.05 -26.68 33.38
CA VAL E 66 -25.74 -25.34 32.90
C VAL E 66 -25.02 -25.39 31.56
N LEU E 67 -24.02 -26.26 31.48
CA LEU E 67 -23.27 -26.47 30.24
C LEU E 67 -24.16 -26.99 29.12
N TYR E 68 -25.07 -27.91 29.45
CA TYR E 68 -26.02 -28.44 28.48
C TYR E 68 -26.98 -27.38 27.95
N GLU E 69 -27.53 -26.57 28.85
CA GLU E 69 -28.50 -25.55 28.45
C GLU E 69 -27.83 -24.40 27.73
N LEU E 70 -26.56 -24.18 28.06
CA LEU E 70 -25.72 -23.21 27.36
C LEU E 70 -25.53 -23.64 25.92
N LEU E 71 -25.19 -24.92 25.72
CA LEU E 71 -25.05 -25.49 24.39
C LEU E 71 -26.33 -25.38 23.57
N GLN E 72 -27.47 -25.63 24.21
CA GLN E 72 -28.76 -25.51 23.53
C GLN E 72 -29.00 -24.09 23.06
N HIS E 73 -28.60 -23.11 23.88
CA HIS E 73 -28.73 -21.70 23.55
C HIS E 73 -27.81 -21.30 22.39
N ILE E 74 -26.60 -21.83 22.40
CA ILE E 74 -25.64 -21.61 21.33
C ILE E 74 -26.17 -22.18 20.01
N LEU E 75 -26.62 -23.44 20.05
CA LEU E 75 -27.21 -24.09 18.87
C LEU E 75 -28.37 -23.31 18.29
N LYS E 76 -29.23 -22.77 19.17
CA LYS E 76 -30.40 -22.01 18.75
C LYS E 76 -30.03 -20.74 18.00
N GLN E 77 -29.07 -19.99 18.53
CA GLN E 77 -28.67 -18.72 17.94
C GLN E 77 -27.95 -18.91 16.60
N ARG E 78 -27.17 -19.99 16.49
CA ARG E 78 -26.51 -20.37 15.24
C ARG E 78 -27.53 -20.83 14.19
N ASP E 79 -28.56 -21.56 14.64
CA ASP E 79 -29.64 -22.01 13.77
C ASP E 79 -30.41 -20.83 13.17
N LEU E 80 -30.60 -19.79 13.97
CA LEU E 80 -31.26 -18.56 13.52
C LEU E 80 -30.43 -17.81 12.49
N GLU E 81 -29.13 -17.72 12.74
CA GLU E 81 -28.19 -17.07 11.82
C GLU E 81 -28.11 -17.83 10.49
N ALA E 82 -28.27 -19.14 10.56
CA ALA E 82 -28.25 -20.00 9.38
C ALA E 82 -29.46 -19.79 8.48
N GLU E 83 -30.62 -19.55 9.09
CA GLU E 83 -31.85 -19.30 8.32
C GLU E 83 -32.03 -17.83 7.95
N ALA E 84 -31.20 -16.96 8.52
CA ALA E 84 -31.16 -15.55 8.15
C ALA E 84 -30.27 -15.37 6.92
N ALA E 85 -29.22 -16.18 6.86
CA ALA E 85 -28.32 -16.22 5.71
C ALA E 85 -28.94 -17.02 4.56
N ALA E 86 -29.84 -17.94 4.91
CA ALA E 86 -30.51 -18.80 3.92
C ALA E 86 -31.61 -18.04 3.16
N ALA E 87 -32.44 -17.30 3.90
CA ALA E 87 -33.53 -16.52 3.33
C ALA E 87 -33.03 -15.37 2.46
N GLU E 88 -31.84 -14.87 2.79
CA GLU E 88 -31.23 -13.75 2.06
C GLU E 88 -30.52 -14.23 0.79
N ALA E 89 -29.90 -15.40 0.85
CA ALA E 89 -29.24 -15.99 -0.32
C ALA E 89 -30.24 -16.37 -1.41
N ALA E 90 -31.44 -16.77 -0.98
CA ALA E 90 -32.56 -17.05 -1.87
C ALA E 90 -33.22 -15.76 -2.36
N ALA E 91 -33.09 -14.71 -1.55
CA ALA E 91 -33.64 -13.38 -1.91
C ALA E 91 -32.83 -12.72 -3.03
N LYS E 92 -31.52 -12.88 -2.99
CA LYS E 92 -30.64 -12.38 -4.05
C LYS E 92 -30.74 -13.28 -5.29
N ALA E 93 -30.63 -14.59 -5.05
CA ALA E 93 -30.71 -15.59 -6.12
C ALA E 93 -31.96 -16.44 -5.99
N GLY F 1 -32.54 -16.63 -9.16
CA GLY F 1 -31.34 -16.15 -9.90
C GLY F 1 -31.27 -14.64 -9.94
N PRO F 2 -31.49 -14.03 -11.11
CA PRO F 2 -31.69 -14.65 -12.42
C PRO F 2 -30.43 -14.68 -13.29
N ASN F 3 -30.28 -15.72 -14.11
CA ASN F 3 -29.14 -15.85 -15.01
C ASN F 3 -29.49 -16.55 -16.35
N ILE F 4 -28.47 -16.72 -17.19
CA ILE F 4 -28.62 -17.31 -18.53
C ILE F 4 -29.15 -18.76 -18.53
N PHE F 5 -28.78 -19.52 -17.50
CA PHE F 5 -29.24 -20.91 -17.35
C PHE F 5 -30.75 -20.98 -17.09
N GLU F 6 -31.23 -20.13 -16.20
CA GLU F 6 -32.65 -20.05 -15.84
C GLU F 6 -33.54 -19.72 -17.04
N MET F 7 -32.99 -18.91 -17.95
CA MET F 7 -33.69 -18.44 -19.14
C MET F 7 -34.20 -19.60 -20.00
N LEU F 8 -33.31 -20.54 -20.31
CA LEU F 8 -33.66 -21.67 -21.17
C LEU F 8 -34.17 -22.89 -20.41
N ARG F 9 -34.08 -22.84 -19.08
CA ARG F 9 -34.72 -23.84 -18.22
C ARG F 9 -36.24 -23.63 -18.25
N ILE F 10 -36.65 -22.39 -18.48
CA ILE F 10 -38.05 -22.01 -18.59
C ILE F 10 -38.55 -22.18 -20.03
N ASP F 11 -37.79 -21.64 -20.98
CA ASP F 11 -38.19 -21.58 -22.38
C ASP F 11 -38.14 -22.94 -23.11
N GLU F 12 -36.93 -23.49 -23.26
CA GLU F 12 -36.75 -24.76 -23.97
C GLU F 12 -36.89 -25.95 -23.03
N GLY F 13 -36.70 -25.71 -21.73
CA GLY F 13 -36.93 -26.72 -20.70
C GLY F 13 -35.85 -27.76 -20.54
N LEU F 14 -35.69 -28.27 -19.32
CA LEU F 14 -34.74 -29.33 -19.02
C LEU F 14 -35.46 -30.68 -18.81
N ARG F 15 -35.12 -31.66 -19.65
CA ARG F 15 -35.65 -33.01 -19.59
C ARG F 15 -34.76 -33.96 -20.39
N LEU F 16 -34.62 -35.25 -20.03
CA LEU F 16 -33.92 -35.77 -18.87
C LEU F 16 -32.92 -36.84 -19.39
N LYS F 17 -33.25 -38.09 -19.76
CA LYS F 17 -34.35 -38.64 -20.58
C LYS F 17 -34.64 -37.94 -21.92
N ILE F 18 -34.49 -38.68 -23.02
CA ILE F 18 -34.70 -38.16 -24.38
C ILE F 18 -36.18 -37.92 -24.64
N TYR F 19 -36.52 -36.70 -25.07
CA TYR F 19 -37.89 -36.33 -25.42
C TYR F 19 -37.96 -35.70 -26.81
N LYS F 20 -39.18 -35.57 -27.33
CA LYS F 20 -39.43 -34.85 -28.58
C LYS F 20 -40.00 -33.47 -28.29
N ASP F 21 -39.46 -32.46 -28.96
CA ASP F 21 -39.93 -31.08 -28.77
C ASP F 21 -41.23 -30.80 -29.54
N THR F 22 -41.52 -29.52 -29.78
CA THR F 22 -42.76 -29.11 -30.46
C THR F 22 -42.74 -29.37 -31.98
N GLU F 23 -41.88 -30.29 -32.41
CA GLU F 23 -41.71 -30.58 -33.83
C GLU F 23 -41.66 -32.10 -34.12
N GLY F 24 -40.65 -32.78 -33.59
CA GLY F 24 -40.52 -34.23 -33.78
C GLY F 24 -39.14 -34.83 -33.55
N TYR F 25 -38.11 -34.01 -33.68
CA TYR F 25 -36.72 -34.45 -33.52
C TYR F 25 -36.39 -34.68 -32.05
N TYR F 26 -35.40 -35.52 -31.78
CA TYR F 26 -35.02 -35.85 -30.41
C TYR F 26 -34.15 -34.77 -29.78
N THR F 27 -34.45 -34.45 -28.53
CA THR F 27 -33.75 -33.40 -27.78
C THR F 27 -33.44 -33.89 -26.37
N ILE F 28 -32.17 -33.79 -25.97
CA ILE F 28 -31.76 -34.11 -24.60
C ILE F 28 -31.22 -32.86 -23.91
N GLY F 29 -31.19 -32.89 -22.59
CA GLY F 29 -30.74 -31.75 -21.79
C GLY F 29 -31.57 -30.51 -22.06
N ILE F 30 -30.90 -29.41 -22.37
CA ILE F 30 -31.58 -28.17 -22.74
C ILE F 30 -31.33 -27.84 -24.21
N GLY F 31 -32.23 -28.31 -25.07
CA GLY F 31 -32.20 -28.00 -26.50
C GLY F 31 -31.03 -28.55 -27.29
N HIS F 32 -30.42 -29.63 -26.80
CA HIS F 32 -29.31 -30.25 -27.50
C HIS F 32 -29.79 -31.28 -28.52
N LEU F 33 -29.31 -31.12 -29.75
CA LEU F 33 -29.59 -32.08 -30.81
C LEU F 33 -28.39 -32.97 -31.07
N LEU F 34 -28.69 -34.12 -31.65
CA LEU F 34 -28.34 -35.42 -31.08
C LEU F 34 -28.23 -36.50 -32.13
N THR F 35 -28.70 -36.14 -33.31
CA THR F 35 -29.68 -36.92 -34.06
C THR F 35 -29.76 -36.43 -35.52
N LYS F 36 -29.02 -37.13 -36.39
CA LYS F 36 -29.10 -36.89 -37.83
C LYS F 36 -29.83 -38.06 -38.47
N SER F 37 -29.62 -39.25 -37.91
CA SER F 37 -30.30 -40.47 -38.33
C SER F 37 -31.76 -40.46 -37.84
N PRO F 38 -32.69 -40.95 -38.68
CA PRO F 38 -34.13 -40.91 -38.36
C PRO F 38 -34.60 -41.88 -37.25
N SER F 39 -33.68 -42.32 -36.40
CA SER F 39 -34.04 -43.26 -35.31
C SER F 39 -33.25 -43.04 -34.02
N LEU F 40 -33.71 -43.66 -32.95
CA LEU F 40 -33.04 -43.60 -31.64
C LEU F 40 -31.86 -44.58 -31.58
N ASN F 41 -31.19 -44.73 -32.73
CA ASN F 41 -30.00 -45.59 -32.84
C ASN F 41 -28.72 -44.78 -32.86
N ALA F 42 -28.72 -43.68 -33.62
CA ALA F 42 -27.57 -42.79 -33.72
C ALA F 42 -27.68 -41.58 -32.79
N ALA F 43 -28.89 -41.34 -32.28
CA ALA F 43 -29.11 -40.37 -31.21
C ALA F 43 -28.65 -40.95 -29.87
N LYS F 44 -28.23 -42.21 -29.94
CA LYS F 44 -27.77 -42.99 -28.79
C LYS F 44 -26.25 -43.16 -28.86
N SER F 45 -25.68 -42.90 -30.05
CA SER F 45 -24.26 -43.15 -30.33
C SER F 45 -23.40 -41.89 -30.25
N GLU F 46 -23.93 -40.77 -30.74
CA GLU F 46 -23.24 -39.49 -30.71
C GLU F 46 -23.12 -38.93 -29.29
N LEU F 47 -23.94 -39.48 -28.38
CA LEU F 47 -23.93 -39.09 -26.98
C LEU F 47 -22.76 -39.73 -26.22
N ASP F 48 -22.26 -40.86 -26.74
CA ASP F 48 -21.06 -41.50 -26.19
C ASP F 48 -19.82 -40.64 -26.44
N LYS F 49 -19.81 -39.99 -27.60
CA LYS F 49 -18.74 -39.07 -28.00
C LYS F 49 -18.83 -37.76 -27.22
N ALA F 50 -20.06 -37.28 -27.00
CA ALA F 50 -20.31 -35.98 -26.38
C ALA F 50 -20.03 -35.93 -24.88
N ILE F 51 -20.60 -36.90 -24.15
CA ILE F 51 -20.48 -36.94 -22.69
C ILE F 51 -19.07 -37.31 -22.23
N GLY F 52 -18.48 -38.30 -22.91
CA GLY F 52 -17.17 -38.83 -22.53
C GLY F 52 -17.26 -40.27 -22.08
N ARG F 53 -18.44 -40.67 -21.60
CA ARG F 53 -18.70 -42.05 -21.21
C ARG F 53 -19.79 -42.70 -22.07
N ASN F 54 -20.66 -43.49 -21.45
CA ASN F 54 -21.50 -44.43 -22.19
C ASN F 54 -22.97 -44.48 -21.77
N THR F 55 -23.79 -44.95 -22.71
CA THR F 55 -25.15 -45.46 -22.43
C THR F 55 -26.25 -44.41 -22.25
N ASN F 56 -27.45 -44.95 -22.43
CA ASN F 56 -28.45 -44.54 -23.42
C ASN F 56 -28.49 -43.10 -23.81
N GLY F 57 -28.78 -42.32 -22.79
CA GLY F 57 -29.31 -41.00 -22.86
C GLY F 57 -30.53 -40.79 -21.99
N VAL F 58 -30.51 -41.42 -20.83
CA VAL F 58 -30.83 -40.85 -19.53
C VAL F 58 -29.45 -40.40 -19.04
N ILE F 59 -29.28 -39.10 -18.84
CA ILE F 59 -28.02 -38.54 -18.34
C ILE F 59 -28.24 -37.80 -17.02
N THR F 60 -27.16 -37.61 -16.25
CA THR F 60 -27.26 -36.93 -14.95
C THR F 60 -27.58 -35.44 -15.10
N LYS F 61 -28.10 -34.86 -14.03
CA LYS F 61 -28.53 -33.46 -14.02
C LYS F 61 -27.39 -32.48 -14.30
N ASP F 62 -26.19 -32.83 -13.83
CA ASP F 62 -25.01 -31.98 -13.98
C ASP F 62 -24.34 -32.10 -15.34
N GLU F 63 -24.39 -33.28 -15.95
CA GLU F 63 -23.84 -33.49 -17.29
C GLU F 63 -24.61 -32.70 -18.34
N ALA F 64 -25.90 -32.51 -18.10
CA ALA F 64 -26.76 -31.70 -18.96
C ALA F 64 -26.43 -30.20 -18.82
N GLU F 65 -26.01 -29.80 -17.63
CA GLU F 65 -25.54 -28.43 -17.38
C GLU F 65 -24.27 -28.14 -18.17
N LYS F 66 -23.33 -29.07 -18.12
CA LYS F 66 -22.09 -28.97 -18.88
C LYS F 66 -22.41 -28.93 -20.36
N LEU F 67 -23.26 -29.87 -20.79
CA LEU F 67 -23.77 -29.95 -22.16
C LEU F 67 -24.38 -28.63 -22.59
N PHE F 68 -25.22 -28.05 -21.73
CA PHE F 68 -25.85 -26.76 -21.98
C PHE F 68 -24.81 -25.65 -22.12
N CYS F 69 -23.84 -25.62 -21.22
CA CYS F 69 -22.82 -24.58 -21.22
C CYS F 69 -21.89 -24.66 -22.43
N GLN F 70 -21.62 -25.87 -22.88
CA GLN F 70 -20.84 -26.10 -24.10
C GLN F 70 -21.59 -25.59 -25.33
N ASP F 71 -22.92 -25.67 -25.28
CA ASP F 71 -23.78 -25.19 -26.36
C ASP F 71 -23.95 -23.68 -26.34
N VAL F 72 -23.97 -23.09 -25.15
CA VAL F 72 -23.96 -21.62 -24.99
C VAL F 72 -22.66 -21.08 -25.60
N ASP F 73 -21.55 -21.75 -25.29
CA ASP F 73 -20.25 -21.43 -25.88
C ASP F 73 -20.27 -21.53 -27.40
N ALA F 74 -20.90 -22.59 -27.91
CA ALA F 74 -21.06 -22.79 -29.35
C ALA F 74 -21.90 -21.68 -29.98
N ALA F 75 -22.97 -21.29 -29.29
CA ALA F 75 -23.81 -20.17 -29.71
C ALA F 75 -23.02 -18.87 -29.80
N VAL F 76 -22.23 -18.58 -28.76
CA VAL F 76 -21.42 -17.35 -28.70
C VAL F 76 -20.38 -17.30 -29.82
N ARG F 77 -19.66 -18.39 -30.00
CA ARG F 77 -18.67 -18.50 -31.08
C ARG F 77 -19.30 -18.33 -32.46
N GLY F 78 -20.45 -18.96 -32.66
CA GLY F 78 -21.20 -18.82 -33.92
C GLY F 78 -21.65 -17.40 -34.16
N ILE F 79 -22.11 -16.74 -33.10
CA ILE F 79 -22.53 -15.34 -33.15
C ILE F 79 -21.35 -14.43 -33.55
N LEU F 80 -20.21 -14.60 -32.90
CA LEU F 80 -19.04 -13.76 -33.13
C LEU F 80 -18.37 -14.04 -34.48
N ARG F 81 -18.50 -15.27 -34.97
CA ARG F 81 -17.98 -15.66 -36.28
C ARG F 81 -18.86 -15.08 -37.40
N ASN F 82 -20.13 -14.88 -37.08
CA ASN F 82 -21.10 -14.33 -38.03
C ASN F 82 -20.89 -12.83 -38.25
N ALA F 83 -20.77 -12.44 -39.51
CA ALA F 83 -20.53 -11.05 -39.89
C ALA F 83 -21.73 -10.15 -39.66
N LYS F 84 -22.92 -10.74 -39.69
CA LYS F 84 -24.18 -10.01 -39.52
C LYS F 84 -24.61 -9.94 -38.06
N LEU F 85 -24.06 -10.81 -37.22
CA LEU F 85 -24.46 -10.90 -35.82
C LEU F 85 -23.48 -10.29 -34.83
N LYS F 86 -22.18 -10.48 -35.07
CA LYS F 86 -21.11 -9.98 -34.20
C LYS F 86 -21.20 -8.48 -33.85
N PRO F 87 -21.34 -7.60 -34.88
CA PRO F 87 -21.44 -6.16 -34.58
C PRO F 87 -22.62 -5.79 -33.69
N VAL F 88 -23.73 -6.51 -33.82
CA VAL F 88 -24.90 -6.31 -32.96
C VAL F 88 -24.60 -6.78 -31.55
N TYR F 89 -24.05 -7.99 -31.46
CA TYR F 89 -23.76 -8.64 -30.18
C TYR F 89 -22.75 -7.87 -29.33
N ASP F 90 -21.68 -7.39 -29.96
CA ASP F 90 -20.60 -6.69 -29.26
C ASP F 90 -21.03 -5.36 -28.62
N SER F 91 -22.09 -4.76 -29.15
CA SER F 91 -22.63 -3.52 -28.61
C SER F 91 -23.61 -3.76 -27.45
N LEU F 92 -24.04 -5.01 -27.29
CA LEU F 92 -25.03 -5.38 -26.28
C LEU F 92 -24.41 -5.68 -24.92
N ASP F 93 -25.13 -5.33 -23.85
CA ASP F 93 -24.78 -5.72 -22.50
C ASP F 93 -25.23 -7.16 -22.25
N CYS F 94 -24.66 -7.79 -21.21
CA CYS F 94 -24.82 -9.23 -20.98
C CYS F 94 -26.25 -9.75 -20.80
N VAL F 95 -27.14 -8.90 -20.30
CA VAL F 95 -28.56 -9.28 -20.18
C VAL F 95 -29.17 -9.48 -21.57
N ARG F 96 -28.89 -8.54 -22.46
CA ARG F 96 -29.42 -8.58 -23.83
C ARG F 96 -28.66 -9.56 -24.72
N ARG F 97 -27.41 -9.87 -24.34
CA ARG F 97 -26.62 -10.90 -25.00
C ARG F 97 -27.26 -12.27 -24.82
N CYS F 98 -27.75 -12.53 -23.60
CA CYS F 98 -28.44 -13.76 -23.27
C CYS F 98 -29.70 -13.97 -24.13
N ALA F 99 -30.41 -12.88 -24.39
CA ALA F 99 -31.61 -12.91 -25.21
C ALA F 99 -31.33 -13.31 -26.67
N LEU F 100 -30.22 -12.80 -27.22
CA LEU F 100 -29.81 -13.15 -28.59
C LEU F 100 -29.34 -14.60 -28.68
N ILE F 101 -28.69 -15.08 -27.62
CA ILE F 101 -28.30 -16.49 -27.52
C ILE F 101 -29.55 -17.36 -27.44
N ASN F 102 -30.50 -16.95 -26.61
CA ASN F 102 -31.81 -17.60 -26.51
C ASN F 102 -32.44 -17.83 -27.88
N MET F 103 -32.40 -16.80 -28.72
CA MET F 103 -32.92 -16.88 -30.09
C MET F 103 -32.15 -17.86 -30.96
N VAL F 104 -30.83 -17.94 -30.76
CA VAL F 104 -29.96 -18.83 -31.54
C VAL F 104 -30.19 -20.31 -31.19
N PHE F 105 -30.38 -20.60 -29.91
CA PHE F 105 -30.71 -21.95 -29.45
C PHE F 105 -31.93 -22.52 -30.18
N GLN F 106 -32.88 -21.65 -30.50
CA GLN F 106 -34.14 -22.04 -31.10
C GLN F 106 -34.07 -22.13 -32.62
N MET F 107 -33.85 -20.99 -33.28
CA MET F 107 -33.89 -20.93 -34.75
C MET F 107 -32.50 -20.93 -35.40
N GLY F 108 -31.46 -21.00 -34.58
CA GLY F 108 -30.10 -21.07 -35.08
C GLY F 108 -29.51 -19.76 -35.56
N GLU F 109 -28.18 -19.70 -35.56
CA GLU F 109 -27.40 -18.55 -36.00
C GLU F 109 -27.92 -17.91 -37.30
N THR F 110 -28.13 -18.75 -38.32
CA THR F 110 -28.52 -18.30 -39.65
C THR F 110 -29.95 -17.74 -39.68
N GLY F 111 -30.83 -18.31 -38.86
CA GLY F 111 -32.21 -17.86 -38.75
C GLY F 111 -32.35 -16.49 -38.13
N VAL F 112 -31.57 -16.25 -37.07
CA VAL F 112 -31.57 -14.97 -36.35
C VAL F 112 -31.05 -13.83 -37.22
N ALA F 113 -30.01 -14.10 -38.00
CA ALA F 113 -29.36 -13.11 -38.86
C ALA F 113 -30.30 -12.53 -39.92
N GLY F 114 -31.45 -13.17 -40.11
CA GLY F 114 -32.47 -12.69 -41.04
C GLY F 114 -33.26 -11.50 -40.52
N PHE F 115 -33.21 -11.28 -39.21
CA PHE F 115 -33.91 -10.17 -38.57
C PHE F 115 -33.13 -8.85 -38.71
N THR F 116 -32.78 -8.51 -39.95
CA THR F 116 -31.91 -7.37 -40.25
C THR F 116 -32.34 -6.06 -39.57
N ASN F 117 -33.60 -5.67 -39.77
CA ASN F 117 -34.12 -4.43 -39.21
C ASN F 117 -34.10 -4.40 -37.67
N SER F 118 -34.54 -5.50 -37.07
CA SER F 118 -34.60 -5.61 -35.61
C SER F 118 -33.22 -5.69 -34.96
N LEU F 119 -32.26 -6.28 -35.67
CA LEU F 119 -30.88 -6.37 -35.20
C LEU F 119 -30.18 -5.00 -35.22
N ARG F 120 -30.40 -4.26 -36.30
CA ARG F 120 -29.84 -2.90 -36.44
C ARG F 120 -30.43 -1.96 -35.37
N MET F 121 -31.73 -2.13 -35.09
CA MET F 121 -32.40 -1.36 -34.05
C MET F 121 -31.87 -1.70 -32.66
N LEU F 122 -31.49 -2.95 -32.44
CA LEU F 122 -30.87 -3.36 -31.18
C LEU F 122 -29.44 -2.84 -31.06
N GLN F 123 -28.74 -2.76 -32.18
CA GLN F 123 -27.37 -2.24 -32.22
C GLN F 123 -27.30 -0.76 -31.87
N GLN F 124 -28.26 0.00 -32.40
CA GLN F 124 -28.30 1.45 -32.25
C GLN F 124 -28.96 1.93 -30.96
N LYS F 125 -29.05 1.04 -29.98
CA LYS F 125 -29.65 1.33 -28.66
C LYS F 125 -31.08 1.86 -28.78
N ARG F 126 -31.91 1.11 -29.50
CA ARG F 126 -33.26 1.55 -29.88
C ARG F 126 -34.26 0.44 -29.53
N TRP F 127 -34.43 0.23 -28.23
CA TRP F 127 -35.02 -1.00 -27.68
C TRP F 127 -36.50 -1.25 -27.98
N ASP F 128 -37.33 -0.25 -27.74
N ASP F 128 -37.33 -0.24 -27.74
CA ASP F 128 -38.78 -0.38 -27.91
CA ASP F 128 -38.77 -0.35 -27.90
C ASP F 128 -39.19 -0.64 -29.36
C ASP F 128 -39.23 -0.57 -29.34
N GLU F 129 -38.48 -0.02 -30.29
CA GLU F 129 -38.77 -0.17 -31.73
C GLU F 129 -38.47 -1.57 -32.23
N ALA F 130 -37.37 -2.16 -31.73
CA ALA F 130 -37.02 -3.54 -32.02
C ALA F 130 -38.00 -4.49 -31.34
N ALA F 131 -38.53 -4.07 -30.20
CA ALA F 131 -39.53 -4.84 -29.45
C ALA F 131 -40.87 -4.92 -30.17
N VAL F 132 -41.26 -3.80 -30.80
CA VAL F 132 -42.48 -3.77 -31.63
C VAL F 132 -42.23 -4.52 -32.95
N ASN F 133 -40.99 -4.45 -33.44
CA ASN F 133 -40.61 -5.08 -34.70
C ASN F 133 -40.59 -6.61 -34.64
N LEU F 134 -39.86 -7.14 -33.67
CA LEU F 134 -39.76 -8.59 -33.46
C LEU F 134 -41.12 -9.24 -33.21
N ALA F 135 -42.03 -8.46 -32.62
CA ALA F 135 -43.38 -8.92 -32.32
C ALA F 135 -44.20 -9.24 -33.58
N LYS F 136 -43.86 -8.56 -34.68
CA LYS F 136 -44.56 -8.76 -35.95
C LYS F 136 -43.76 -9.66 -36.89
N SER F 137 -43.41 -10.86 -36.39
CA SER F 137 -42.65 -11.84 -37.16
C SER F 137 -43.28 -13.23 -37.09
N ARG F 138 -42.86 -14.10 -38.02
CA ARG F 138 -43.37 -15.48 -38.10
C ARG F 138 -43.05 -16.27 -36.83
N TRP F 139 -41.85 -16.06 -36.28
CA TRP F 139 -41.41 -16.73 -35.07
C TRP F 139 -42.30 -16.41 -33.86
N TYR F 140 -42.79 -15.18 -33.80
CA TYR F 140 -43.68 -14.74 -32.71
C TYR F 140 -45.00 -15.50 -32.71
N ASN F 141 -45.50 -15.85 -33.89
CA ASN F 141 -46.79 -16.53 -34.04
C ASN F 141 -46.79 -17.98 -33.56
N GLN F 142 -45.73 -18.71 -33.88
CA GLN F 142 -45.63 -20.14 -33.51
C GLN F 142 -45.69 -20.37 -32.01
N THR F 143 -44.83 -19.67 -31.27
CA THR F 143 -44.85 -19.71 -29.81
C THR F 143 -44.75 -18.30 -29.23
N PRO F 144 -45.91 -17.67 -28.94
CA PRO F 144 -45.94 -16.37 -28.27
C PRO F 144 -45.48 -16.48 -26.80
N ASN F 145 -45.38 -17.70 -26.31
CA ASN F 145 -44.91 -17.99 -24.95
C ASN F 145 -43.46 -17.53 -24.75
N ARG F 146 -42.57 -18.10 -25.56
CA ARG F 146 -41.14 -17.83 -25.49
C ARG F 146 -40.80 -16.41 -25.97
N ALA F 147 -41.53 -15.95 -26.98
CA ALA F 147 -41.24 -14.68 -27.66
C ALA F 147 -41.48 -13.44 -26.79
N LYS F 148 -42.56 -13.42 -26.03
CA LYS F 148 -42.90 -12.31 -25.14
C LYS F 148 -41.80 -11.99 -24.13
N ARG F 149 -41.20 -13.03 -23.58
CA ARG F 149 -40.15 -12.88 -22.56
C ARG F 149 -38.82 -12.42 -23.15
N VAL F 150 -38.49 -12.92 -24.34
CA VAL F 150 -37.28 -12.52 -25.06
C VAL F 150 -37.36 -11.05 -25.48
N ILE F 151 -38.53 -10.62 -25.90
CA ILE F 151 -38.79 -9.23 -26.28
C ILE F 151 -38.69 -8.29 -25.06
N THR F 152 -39.37 -8.67 -23.97
CA THR F 152 -39.35 -7.90 -22.73
C THR F 152 -37.92 -7.68 -22.23
N THR F 153 -37.09 -8.70 -22.39
CA THR F 153 -35.67 -8.66 -22.01
C THR F 153 -34.88 -7.70 -22.90
N PHE F 154 -35.22 -7.65 -24.19
CA PHE F 154 -34.57 -6.76 -25.13
C PHE F 154 -34.87 -5.29 -24.87
N ARG F 155 -36.11 -5.01 -24.44
CA ARG F 155 -36.55 -3.64 -24.21
C ARG F 155 -35.98 -3.05 -22.91
N THR F 156 -36.33 -3.67 -21.79
CA THR F 156 -35.94 -3.17 -20.47
C THR F 156 -34.45 -3.40 -20.14
N GLY F 157 -33.87 -4.45 -20.71
CA GLY F 157 -32.49 -4.80 -20.44
C GLY F 157 -32.30 -5.45 -19.09
N THR F 158 -33.37 -6.04 -18.57
CA THR F 158 -33.36 -6.69 -17.26
C THR F 158 -34.00 -8.09 -17.34
N TRP F 159 -33.89 -8.85 -16.25
CA TRP F 159 -34.40 -10.21 -16.19
C TRP F 159 -35.86 -10.29 -15.74
N ASP F 160 -36.53 -9.14 -15.65
CA ASP F 160 -37.87 -9.00 -15.08
C ASP F 160 -38.92 -10.01 -15.56
N ALA F 161 -38.88 -10.35 -16.85
CA ALA F 161 -39.85 -11.28 -17.45
C ALA F 161 -39.68 -12.72 -16.98
N TYR F 162 -38.89 -12.92 -15.93
CA TYR F 162 -38.61 -14.24 -15.39
C TYR F 162 -38.70 -14.27 -13.86
N LYS F 163 -38.52 -13.12 -13.23
CA LYS F 163 -38.58 -12.99 -11.78
C LYS F 163 -39.99 -13.17 -11.25
#